data_1K7H
#
_entry.id   1K7H
#
_cell.length_a   171.169
_cell.length_b   171.169
_cell.length_c   84.332
_cell.angle_alpha   90.00
_cell.angle_beta   90.00
_cell.angle_gamma   90.00
#
_symmetry.space_group_name_H-M   'P 43 21 2'
#
loop_
_entity.id
_entity.type
_entity.pdbx_description
1 polymer 'ALKALINE PHOSPHATASE'
2 non-polymer 2-acetamido-2-deoxy-beta-D-glucopyranose
3 non-polymer 'ZINC ION'
4 non-polymer 'SULFATE ION'
5 non-polymer 'MALEIC ACID'
6 water water
#
_entity_poly.entity_id   1
_entity_poly.type   'polypeptide(L)'
_entity_poly.pdbx_seq_one_letter_code
;EEDKAYWNKDAQDALDKQLGIKLREKQAKNVIFFLGDGMSLSTVTAARIYKGGLTGKFEREKISWEEFDFAALSKTYNTD
KQVTDSAASATAYLTGVKTNQGVIGLDANTVRTNCSYQLDESLFTYSIAHWFQEAGRSTGVVTSTRVTHATPAGTYAHVA
DRDWENDSDVVHDREDPEICDDIAEQLVFREPGKNFKVIMGGGRRGFFPEEALDIEDGIPGEREDGKHLITDWLDDKASQ
GATASYVWNRDDLLAVDIANTDYLMGLFSYTHLDTVLTRDAEMDPTLPEMTKVAIEMLTKDENGFFLLVEGGRIDHMHHA
NQIRQSLAETLDMEEAVSMALSMTDPEETIILVTADHGHTLTITGYADRNTDILDFAGISDLDDRRYTILDYGSGPGYHI
TEDGKRYEPTEEDLKDINFRYASAAPKHSATHDGTDVGIWVNGPFAHLFTGVYEENYIPHALAYAACVGTGRTFCD
;
_entity_poly.pdbx_strand_id   A,B
#
loop_
_chem_comp.id
_chem_comp.type
_chem_comp.name
_chem_comp.formula
MAE non-polymer 'MALEIC ACID' 'C4 H4 O4'
NAG D-saccharide, beta linking 2-acetamido-2-deoxy-beta-D-glucopyranose 'C8 H15 N O6'
SO4 non-polymer 'SULFATE ION' 'O4 S -2'
ZN non-polymer 'ZINC ION' 'Zn 2'
#
# COMPACT_ATOMS: atom_id res chain seq x y z
N GLU A 1 9.29 -40.69 -37.02
CA GLU A 1 10.56 -40.58 -36.28
C GLU A 1 11.52 -39.72 -37.15
N GLU A 2 12.58 -39.21 -36.53
CA GLU A 2 13.51 -38.29 -37.18
C GLU A 2 14.49 -39.00 -38.09
N ASP A 3 14.01 -39.53 -39.22
CA ASP A 3 14.82 -40.30 -40.17
C ASP A 3 15.16 -39.45 -41.35
N LYS A 4 15.83 -40.01 -42.35
CA LYS A 4 16.34 -39.32 -43.51
C LYS A 4 15.30 -38.42 -44.21
N ALA A 5 14.14 -38.99 -44.46
CA ALA A 5 13.09 -38.24 -45.13
C ALA A 5 12.61 -37.04 -44.27
N TYR A 6 12.52 -37.29 -43.00
CA TYR A 6 12.08 -36.30 -42.01
C TYR A 6 12.99 -35.10 -42.07
N TRP A 7 14.31 -35.32 -42.00
CA TRP A 7 15.26 -34.19 -42.02
C TRP A 7 15.31 -33.51 -43.35
N ASN A 8 15.18 -34.28 -44.43
CA ASN A 8 15.25 -33.68 -45.74
C ASN A 8 14.07 -32.71 -45.93
N LYS A 9 12.90 -33.14 -45.51
CA LYS A 9 11.72 -32.28 -45.63
C LYS A 9 11.87 -31.08 -44.71
N ASP A 10 12.31 -31.35 -43.50
CA ASP A 10 12.60 -30.29 -42.52
C ASP A 10 13.52 -29.23 -43.13
N ALA A 11 14.61 -29.67 -43.76
CA ALA A 11 15.52 -28.74 -44.47
C ALA A 11 14.92 -28.07 -45.71
N GLN A 12 14.27 -28.85 -46.57
CA GLN A 12 13.70 -28.32 -47.80
C GLN A 12 12.70 -27.19 -47.50
N ASP A 13 11.92 -27.37 -46.44
CA ASP A 13 10.94 -26.39 -45.95
C ASP A 13 11.58 -25.13 -45.41
N ALA A 14 12.68 -25.31 -44.69
CA ALA A 14 13.41 -24.14 -44.25
C ALA A 14 13.96 -23.44 -45.47
N LEU A 15 14.41 -24.18 -46.48
CA LEU A 15 14.93 -23.52 -47.65
C LEU A 15 13.83 -22.78 -48.36
N ASP A 16 12.68 -23.41 -48.44
CA ASP A 16 11.53 -22.78 -49.09
C ASP A 16 11.18 -21.45 -48.35
N LYS A 17 11.22 -21.49 -47.02
CA LYS A 17 10.94 -20.29 -46.22
C LYS A 17 11.97 -19.21 -46.55
N GLN A 18 13.24 -19.59 -46.59
CA GLN A 18 14.32 -18.64 -46.86
C GLN A 18 14.23 -18.00 -48.26
N LEU A 19 13.90 -18.79 -49.28
CA LEU A 19 13.76 -18.30 -50.64
C LEU A 19 12.59 -17.32 -50.85
N GLY A 20 11.61 -17.38 -49.95
CA GLY A 20 10.43 -16.53 -49.96
C GLY A 20 10.51 -15.25 -49.10
N ILE A 21 11.69 -14.99 -48.57
CA ILE A 21 11.93 -13.76 -47.84
C ILE A 21 11.68 -12.54 -48.73
N LYS A 22 10.78 -11.69 -48.29
CA LYS A 22 10.54 -10.45 -49.03
C LYS A 22 11.16 -9.30 -48.23
N LEU A 23 12.09 -8.56 -48.82
CA LEU A 23 12.73 -7.44 -48.13
C LEU A 23 11.73 -6.28 -47.89
N ARG A 24 11.99 -5.54 -46.80
CA ARG A 24 11.13 -4.44 -46.43
C ARG A 24 11.97 -3.20 -46.41
N GLU A 25 11.90 -2.47 -47.50
CA GLU A 25 12.69 -1.28 -47.71
C GLU A 25 11.69 -0.13 -47.61
N LYS A 26 11.18 0.07 -46.41
CA LYS A 26 10.23 1.12 -46.15
C LYS A 26 10.50 1.60 -44.73
N GLN A 27 10.27 2.88 -44.48
CA GLN A 27 10.52 3.48 -43.18
C GLN A 27 9.87 2.73 -42.04
N ALA A 28 10.54 2.65 -40.90
CA ALA A 28 9.90 2.05 -39.73
C ALA A 28 9.18 3.16 -38.97
N LYS A 29 7.90 2.93 -38.73
CA LYS A 29 7.11 3.83 -37.89
C LYS A 29 7.48 3.60 -36.41
N ASN A 30 7.43 2.34 -36.02
CA ASN A 30 7.73 1.92 -34.64
C ASN A 30 8.95 1.03 -34.49
N VAL A 31 9.58 1.07 -33.33
CA VAL A 31 10.71 0.21 -33.00
C VAL A 31 10.52 -0.27 -31.58
N ILE A 32 10.47 -1.59 -31.39
CA ILE A 32 10.37 -2.21 -30.09
C ILE A 32 11.67 -3.02 -29.91
N PHE A 33 12.41 -2.65 -28.87
CA PHE A 33 13.74 -3.17 -28.62
C PHE A 33 13.69 -4.03 -27.37
N PHE A 34 13.92 -5.32 -27.52
CA PHE A 34 13.96 -6.23 -26.38
C PHE A 34 15.42 -6.51 -26.03
N LEU A 35 15.75 -6.42 -24.75
CA LEU A 35 17.08 -6.56 -24.21
C LEU A 35 17.05 -7.58 -23.07
N GLY A 36 17.60 -8.76 -23.36
CA GLY A 36 17.77 -9.78 -22.33
C GLY A 36 19.14 -9.53 -21.67
N ASP A 37 19.12 -8.97 -20.46
CA ASP A 37 20.37 -8.67 -19.78
C ASP A 37 21.14 -9.90 -19.37
N GLY A 38 22.32 -10.05 -19.96
CA GLY A 38 23.19 -11.15 -19.61
C GLY A 38 22.76 -12.37 -20.41
N MET A 39 21.91 -12.18 -21.40
CA MET A 39 21.40 -13.33 -22.18
C MET A 39 22.35 -13.83 -23.25
N SER A 40 23.29 -14.67 -22.84
CA SER A 40 24.25 -15.23 -23.78
C SER A 40 23.59 -16.16 -24.80
N LEU A 41 24.28 -16.47 -25.90
CA LEU A 41 23.74 -17.43 -26.86
C LEU A 41 23.48 -18.75 -26.17
N SER A 42 24.38 -19.14 -25.27
CA SER A 42 24.15 -20.34 -24.45
C SER A 42 22.84 -20.25 -23.61
N THR A 43 22.50 -19.07 -23.09
CA THR A 43 21.20 -18.89 -22.42
C THR A 43 20.04 -19.12 -23.34
N VAL A 44 20.16 -18.68 -24.58
CA VAL A 44 19.05 -18.81 -25.51
C VAL A 44 18.89 -20.29 -25.85
N THR A 45 20.01 -20.98 -26.11
CA THR A 45 19.93 -22.42 -26.38
C THR A 45 19.31 -23.17 -25.20
N ALA A 46 19.83 -22.95 -24.00
CA ALA A 46 19.33 -23.60 -22.82
C ALA A 46 17.85 -23.25 -22.55
N ALA A 47 17.47 -22.01 -22.86
CA ALA A 47 16.08 -21.59 -22.66
C ALA A 47 15.17 -22.23 -23.70
N ARG A 48 15.66 -22.37 -24.92
CA ARG A 48 14.88 -23.06 -25.91
C ARG A 48 14.54 -24.47 -25.43
N ILE A 49 15.54 -25.17 -24.90
CA ILE A 49 15.33 -26.53 -24.43
C ILE A 49 14.46 -26.56 -23.16
N TYR A 50 14.64 -25.57 -22.27
CA TYR A 50 13.82 -25.38 -21.08
C TYR A 50 12.36 -25.24 -21.52
N LYS A 51 12.09 -24.37 -22.49
CA LYS A 51 10.74 -24.19 -23.03
C LYS A 51 10.18 -25.57 -23.57
N GLY A 52 11.06 -26.31 -24.26
CA GLY A 52 10.70 -27.60 -24.84
C GLY A 52 10.27 -28.61 -23.82
N GLY A 53 10.83 -28.49 -22.64
CA GLY A 53 10.53 -29.33 -21.53
C GLY A 53 9.11 -29.05 -21.00
N LEU A 54 8.64 -27.82 -21.11
CA LEU A 54 7.29 -27.46 -20.74
C LEU A 54 6.30 -27.85 -21.82
N THR A 55 6.64 -27.69 -23.08
CA THR A 55 5.72 -27.97 -24.15
C THR A 55 5.80 -29.37 -24.67
N GLY A 56 6.87 -30.11 -24.37
CA GLY A 56 7.00 -31.44 -24.91
C GLY A 56 7.64 -31.58 -26.27
N LYS A 57 8.16 -30.49 -26.82
CA LYS A 57 8.90 -30.54 -28.07
C LYS A 57 10.37 -30.73 -27.90
N PHE A 58 10.82 -30.40 -26.69
CA PHE A 58 12.21 -30.51 -26.20
C PHE A 58 13.16 -29.77 -27.08
N GLU A 59 14.19 -30.46 -27.64
CA GLU A 59 15.21 -29.78 -28.47
C GLU A 59 14.69 -29.24 -29.80
N ARG A 60 13.50 -29.66 -30.22
CA ARG A 60 12.86 -29.19 -31.42
C ARG A 60 12.06 -27.93 -31.18
N GLU A 61 11.98 -27.50 -29.95
CA GLU A 61 11.25 -26.25 -29.63
C GLU A 61 11.96 -25.06 -30.28
N LYS A 62 11.25 -23.97 -30.42
CA LYS A 62 11.78 -22.74 -31.00
C LYS A 62 11.45 -21.58 -30.07
N ILE A 63 12.42 -20.68 -29.96
CA ILE A 63 12.25 -19.44 -29.21
C ILE A 63 11.62 -18.48 -30.18
N SER A 64 10.68 -17.71 -29.66
CA SER A 64 9.84 -16.88 -30.48
C SER A 64 10.62 -16.11 -31.48
N TRP A 65 11.68 -15.42 -31.03
CA TRP A 65 12.39 -14.56 -31.93
C TRP A 65 13.28 -15.30 -32.93
N GLU A 66 13.53 -16.57 -32.73
CA GLU A 66 14.28 -17.37 -33.71
C GLU A 66 13.45 -17.67 -34.96
N GLU A 67 12.14 -17.36 -34.96
CA GLU A 67 11.34 -17.40 -36.19
C GLU A 67 11.65 -16.20 -37.06
N PHE A 68 12.39 -15.21 -36.54
CA PHE A 68 12.76 -14.07 -37.37
C PHE A 68 13.78 -14.50 -38.45
N ASP A 69 13.76 -13.88 -39.63
CA ASP A 69 14.67 -14.28 -40.67
C ASP A 69 16.06 -13.78 -40.56
N PHE A 70 16.27 -12.74 -39.75
CA PHE A 70 17.58 -12.12 -39.63
C PHE A 70 18.19 -12.21 -38.21
N ALA A 71 19.40 -12.78 -38.12
CA ALA A 71 20.15 -12.88 -36.88
C ALA A 71 21.54 -12.33 -37.17
N ALA A 72 22.22 -11.83 -36.15
CA ALA A 72 23.49 -11.20 -36.32
C ALA A 72 24.31 -11.37 -35.05
N LEU A 73 25.61 -11.11 -35.11
CA LEU A 73 26.40 -11.19 -33.94
C LEU A 73 26.85 -9.78 -33.55
N SER A 74 27.00 -9.58 -32.25
CA SER A 74 27.37 -8.29 -31.65
C SER A 74 28.61 -8.41 -30.73
N LYS A 75 29.65 -7.67 -31.07
CA LYS A 75 30.85 -7.57 -30.29
C LYS A 75 30.74 -6.56 -29.16
N THR A 76 30.83 -7.04 -27.94
CA THR A 76 30.45 -6.25 -26.74
C THR A 76 31.56 -5.58 -25.93
N TYR A 77 32.83 -5.81 -26.26
CA TYR A 77 33.91 -5.12 -25.55
C TYR A 77 33.64 -3.64 -25.54
N ASN A 78 34.14 -2.97 -24.52
CA ASN A 78 33.90 -1.53 -24.45
C ASN A 78 35.22 -0.78 -24.50
N THR A 79 35.24 0.53 -24.19
CA THR A 79 36.52 1.28 -24.31
C THR A 79 37.61 1.02 -23.28
N ASP A 80 37.29 0.40 -22.14
CA ASP A 80 38.31 0.09 -21.18
C ASP A 80 38.35 -1.36 -20.73
N LYS A 81 37.33 -2.18 -21.04
CA LYS A 81 37.29 -3.57 -20.52
C LYS A 81 36.92 -4.52 -21.69
N GLN A 82 37.46 -5.73 -21.64
CA GLN A 82 37.13 -6.80 -22.60
C GLN A 82 35.67 -7.21 -22.41
N VAL A 83 35.28 -7.32 -21.16
CA VAL A 83 33.96 -7.79 -20.69
C VAL A 83 33.16 -6.62 -20.11
N THR A 84 32.21 -6.14 -20.89
CA THR A 84 31.43 -4.97 -20.53
C THR A 84 30.47 -5.21 -19.44
N ASP A 85 30.19 -4.14 -18.68
CA ASP A 85 29.10 -4.19 -17.70
C ASP A 85 27.86 -3.76 -18.43
N SER A 86 26.77 -3.64 -17.71
CA SER A 86 25.48 -3.24 -18.28
C SER A 86 25.35 -1.78 -18.67
N ALA A 87 26.07 -0.90 -17.99
CA ALA A 87 26.04 0.53 -18.28
C ALA A 87 26.73 0.96 -19.57
N ALA A 88 27.97 0.55 -19.74
CA ALA A 88 28.68 0.90 -20.98
C ALA A 88 28.00 0.28 -22.17
N SER A 89 27.48 -0.93 -22.02
CA SER A 89 26.80 -1.55 -23.17
C SER A 89 25.51 -0.87 -23.53
N ALA A 90 24.71 -0.49 -22.52
CA ALA A 90 23.50 0.25 -22.81
C ALA A 90 23.89 1.52 -23.55
N THR A 91 24.98 2.16 -23.14
CA THR A 91 25.37 3.38 -23.87
C THR A 91 25.63 3.06 -25.32
N ALA A 92 26.23 1.91 -25.56
CA ALA A 92 26.49 1.51 -26.95
C ALA A 92 25.23 1.21 -27.77
N TYR A 93 24.38 0.30 -27.31
CA TYR A 93 23.26 -0.18 -28.15
C TYR A 93 22.05 0.78 -28.14
N LEU A 94 22.07 1.80 -27.27
CA LEU A 94 20.98 2.79 -27.21
C LEU A 94 21.42 4.17 -27.73
N THR A 95 22.68 4.54 -27.53
CA THR A 95 23.17 5.89 -27.94
C THR A 95 24.16 5.81 -29.11
N GLY A 96 24.69 4.62 -29.44
CA GLY A 96 25.51 4.49 -30.63
C GLY A 96 26.99 4.72 -30.43
N VAL A 97 27.40 4.80 -29.17
CA VAL A 97 28.76 5.05 -28.79
C VAL A 97 29.21 4.12 -27.69
N LYS A 98 30.40 3.53 -27.85
CA LYS A 98 30.95 2.71 -26.80
C LYS A 98 31.58 3.58 -25.71
N THR A 99 31.73 3.05 -24.52
CA THR A 99 32.27 3.87 -23.46
C THR A 99 32.86 3.05 -22.36
N ASN A 100 33.30 3.73 -21.29
CA ASN A 100 33.95 3.10 -20.21
C ASN A 100 32.99 2.44 -19.22
N GLN A 101 33.51 1.40 -18.56
CA GLN A 101 32.83 0.60 -17.54
C GLN A 101 32.16 1.50 -16.48
N GLY A 102 30.85 1.28 -16.28
CA GLY A 102 30.14 2.02 -15.26
C GLY A 102 29.55 3.35 -15.69
N VAL A 103 29.72 3.76 -16.96
CA VAL A 103 29.32 5.05 -17.41
C VAL A 103 28.09 4.94 -18.32
N ILE A 104 27.11 5.80 -18.11
CA ILE A 104 25.93 5.83 -18.95
C ILE A 104 25.74 7.15 -19.68
N GLY A 105 25.65 7.09 -20.99
CA GLY A 105 25.27 8.26 -21.77
C GLY A 105 26.32 9.36 -21.92
N LEU A 106 27.57 8.97 -21.66
CA LEU A 106 28.74 9.86 -21.83
C LEU A 106 29.79 9.03 -22.54
N ASP A 107 30.69 9.69 -23.28
CA ASP A 107 31.70 8.98 -24.05
C ASP A 107 32.92 8.62 -23.22
N ALA A 108 33.95 8.02 -23.85
CA ALA A 108 35.04 7.42 -23.12
C ALA A 108 36.03 8.42 -22.45
N ASN A 109 35.81 9.69 -22.71
CA ASN A 109 36.53 10.68 -21.94
C ASN A 109 36.15 10.62 -20.55
N THR A 110 34.97 10.09 -20.27
CA THR A 110 34.55 10.01 -18.89
C THR A 110 35.38 9.21 -17.96
N VAL A 111 35.62 9.82 -16.84
CA VAL A 111 36.27 9.11 -15.79
C VAL A 111 35.22 8.62 -14.74
N ARG A 112 34.98 7.30 -14.67
CA ARG A 112 33.95 6.74 -13.78
C ARG A 112 34.01 7.24 -12.32
N THR A 113 32.83 7.61 -11.80
CA THR A 113 32.69 8.05 -10.44
C THR A 113 33.12 9.49 -10.29
N ASN A 114 33.29 10.16 -11.41
CA ASN A 114 33.65 11.56 -11.39
C ASN A 114 32.51 12.40 -11.99
N CYS A 115 31.70 12.95 -11.08
CA CYS A 115 30.55 13.76 -11.50
C CYS A 115 30.84 14.85 -12.46
N SER A 116 32.03 15.51 -12.38
CA SER A 116 32.35 16.59 -13.29
C SER A 116 32.11 16.22 -14.72
N TYR A 117 32.41 14.98 -15.07
CA TYR A 117 32.22 14.57 -16.42
C TYR A 117 30.77 14.57 -16.86
N GLN A 118 29.84 14.43 -15.90
CA GLN A 118 28.45 14.45 -16.31
C GLN A 118 27.88 15.87 -16.42
N LEU A 119 28.70 16.86 -16.06
CA LEU A 119 28.35 18.28 -16.27
C LEU A 119 28.74 18.83 -17.64
N ASP A 120 29.53 18.07 -18.38
CA ASP A 120 30.02 18.52 -19.69
C ASP A 120 29.23 17.92 -20.83
N GLU A 121 28.41 18.76 -21.45
CA GLU A 121 27.51 18.34 -22.52
C GLU A 121 28.21 17.82 -23.74
N SER A 122 29.43 18.29 -23.98
CA SER A 122 30.14 17.87 -25.19
C SER A 122 30.43 16.37 -25.13
N LEU A 123 30.42 15.81 -23.93
CA LEU A 123 30.61 14.39 -23.69
C LEU A 123 29.33 13.55 -23.72
N PHE A 124 28.18 14.19 -23.91
CA PHE A 124 26.86 13.50 -23.89
C PHE A 124 26.68 12.66 -25.16
N THR A 125 26.13 11.45 -25.02
CA THR A 125 25.66 10.68 -26.16
C THR A 125 24.17 10.64 -25.95
N TYR A 126 23.42 10.68 -27.03
CA TYR A 126 21.96 10.75 -26.99
C TYR A 126 21.36 9.45 -27.51
N SER A 127 20.30 9.02 -26.85
CA SER A 127 19.65 7.75 -27.11
C SER A 127 18.69 7.77 -28.23
N ILE A 128 18.32 6.57 -28.70
CA ILE A 128 17.35 6.45 -29.74
C ILE A 128 15.98 7.01 -29.27
N ALA A 129 15.70 6.93 -27.98
CA ALA A 129 14.52 7.54 -27.46
C ALA A 129 14.52 9.09 -27.63
N HIS A 130 15.64 9.69 -27.36
CA HIS A 130 15.82 11.13 -27.62
C HIS A 130 15.56 11.46 -29.09
N TRP A 131 16.07 10.62 -30.00
CA TRP A 131 15.92 10.87 -31.40
C TRP A 131 14.47 10.72 -31.81
N PHE A 132 13.78 9.70 -31.29
CA PHE A 132 12.38 9.59 -31.59
C PHE A 132 11.59 10.86 -31.13
N GLN A 133 11.88 11.33 -29.92
CA GLN A 133 11.23 12.53 -29.38
C GLN A 133 11.54 13.73 -30.29
N GLU A 134 12.81 13.98 -30.60
CA GLU A 134 13.15 15.07 -31.54
C GLU A 134 12.37 14.99 -32.87
N ALA A 135 11.88 13.81 -33.22
CA ALA A 135 11.12 13.62 -34.44
C ALA A 135 9.61 13.72 -34.22
N GLY A 136 9.20 13.99 -32.98
CA GLY A 136 7.80 14.11 -32.64
C GLY A 136 7.07 12.80 -32.43
N ARG A 137 7.79 11.78 -31.95
CA ARG A 137 7.23 10.47 -31.75
C ARG A 137 7.30 10.08 -30.30
N SER A 138 6.46 9.12 -29.93
CA SER A 138 6.35 8.71 -28.54
C SER A 138 7.42 7.68 -28.11
N THR A 139 7.67 7.61 -26.82
CA THR A 139 8.71 6.73 -26.27
C THR A 139 8.27 6.17 -24.93
N GLY A 140 8.82 5.01 -24.60
CA GLY A 140 8.60 4.34 -23.32
C GLY A 140 9.60 3.22 -23.00
N VAL A 141 9.54 2.76 -21.76
CA VAL A 141 10.39 1.74 -21.26
C VAL A 141 9.62 0.84 -20.30
N VAL A 142 9.90 -0.47 -20.38
CA VAL A 142 9.39 -1.51 -19.53
C VAL A 142 10.57 -2.39 -19.12
N THR A 143 10.67 -2.71 -17.84
CA THR A 143 11.69 -3.64 -17.38
C THR A 143 11.28 -4.37 -16.16
N SER A 144 11.93 -5.48 -15.87
CA SER A 144 11.73 -6.24 -14.64
C SER A 144 12.67 -5.77 -13.58
N THR A 145 13.54 -4.79 -13.91
CA THR A 145 14.46 -4.29 -12.92
C THR A 145 13.92 -2.97 -12.41
N ARG A 146 14.73 -2.31 -11.58
CA ARG A 146 14.45 -0.98 -11.14
C ARG A 146 14.49 -0.16 -12.40
N VAL A 147 13.61 0.82 -12.54
CA VAL A 147 13.59 1.67 -13.74
C VAL A 147 14.82 2.60 -13.85
N THR A 148 15.58 2.67 -12.79
CA THR A 148 16.83 3.47 -12.70
C THR A 148 18.06 2.58 -12.93
N HIS A 149 17.84 1.27 -13.13
CA HIS A 149 18.92 0.32 -13.43
C HIS A 149 19.63 0.74 -14.74
N ALA A 150 20.83 0.23 -14.98
CA ALA A 150 21.64 0.68 -16.11
C ALA A 150 20.97 0.56 -17.44
N THR A 151 20.30 -0.58 -17.69
CA THR A 151 19.66 -0.74 -18.97
C THR A 151 18.59 0.31 -19.36
N PRO A 152 17.53 0.45 -18.60
CA PRO A 152 16.56 1.47 -18.88
C PRO A 152 17.20 2.87 -18.85
N ALA A 153 18.12 3.05 -17.92
CA ALA A 153 18.80 4.34 -17.79
C ALA A 153 19.51 4.77 -19.04
N GLY A 154 19.95 3.80 -19.83
CA GLY A 154 20.64 4.14 -21.05
C GLY A 154 19.76 4.86 -22.03
N THR A 155 18.42 4.79 -21.92
CA THR A 155 17.55 5.47 -22.82
C THR A 155 17.38 6.94 -22.44
N TYR A 156 17.82 7.34 -21.23
CA TYR A 156 17.60 8.73 -20.83
C TYR A 156 18.67 9.45 -20.02
N ALA A 157 19.51 8.72 -19.29
CA ALA A 157 20.40 9.32 -18.32
C ALA A 157 21.78 9.60 -18.86
N HIS A 158 22.47 10.49 -18.15
CA HIS A 158 23.85 10.87 -18.44
C HIS A 158 24.50 10.92 -17.07
N VAL A 159 25.14 9.85 -16.66
CA VAL A 159 25.82 9.79 -15.37
C VAL A 159 27.22 9.17 -15.48
N ALA A 160 28.13 9.64 -14.61
CA ALA A 160 29.51 9.15 -14.53
C ALA A 160 29.61 7.87 -13.77
N ASP A 161 28.52 7.43 -13.15
CA ASP A 161 28.53 6.14 -12.49
C ASP A 161 27.11 5.62 -12.39
N ARG A 162 26.91 4.45 -12.95
CA ARG A 162 25.64 3.77 -12.96
C ARG A 162 25.08 3.52 -11.56
N ASP A 163 25.92 3.48 -10.55
CA ASP A 163 25.48 3.27 -9.19
C ASP A 163 24.58 4.40 -8.67
N TRP A 164 24.64 5.57 -9.30
CA TRP A 164 23.93 6.76 -8.86
C TRP A 164 22.45 6.74 -9.26
N GLU A 165 21.73 5.72 -8.81
CA GLU A 165 20.32 5.60 -9.12
C GLU A 165 19.45 6.67 -8.41
N ASN A 166 19.81 7.02 -7.17
CA ASN A 166 19.13 8.09 -6.45
C ASN A 166 20.24 8.91 -5.69
N ASP A 167 19.86 9.97 -4.98
CA ASP A 167 20.82 10.93 -4.39
C ASP A 167 21.61 10.33 -3.27
N SER A 168 21.05 9.34 -2.60
CA SER A 168 21.73 8.67 -1.56
C SER A 168 22.96 7.91 -2.12
N ASP A 169 22.92 7.50 -3.38
CA ASP A 169 24.06 6.82 -3.97
C ASP A 169 25.17 7.82 -4.35
N VAL A 170 24.78 9.00 -4.78
CA VAL A 170 25.71 10.05 -5.14
C VAL A 170 26.51 10.46 -3.87
N VAL A 171 25.79 10.75 -2.79
CA VAL A 171 26.39 11.10 -1.51
C VAL A 171 27.33 10.01 -1.05
N HIS A 172 26.93 8.75 -1.23
CA HIS A 172 27.77 7.64 -0.81
C HIS A 172 29.14 7.63 -1.50
N ASP A 173 29.24 8.18 -2.71
CA ASP A 173 30.53 8.28 -3.41
C ASP A 173 31.20 9.65 -3.18
N ARG A 174 30.69 10.41 -2.20
CA ARG A 174 31.27 11.72 -1.82
C ARG A 174 31.09 12.77 -2.90
N GLU A 175 30.06 12.60 -3.73
CA GLU A 175 29.77 13.60 -4.74
C GLU A 175 28.63 14.47 -4.20
N ASP A 176 28.49 15.65 -4.79
CA ASP A 176 27.55 16.66 -4.40
C ASP A 176 26.18 16.46 -5.06
N PRO A 177 25.21 15.96 -4.29
CA PRO A 177 23.92 15.63 -4.90
C PRO A 177 23.21 16.84 -5.41
N GLU A 178 23.66 18.02 -4.98
CA GLU A 178 23.03 19.26 -5.41
C GLU A 178 23.32 19.60 -6.83
N ILE A 179 24.47 19.15 -7.29
CA ILE A 179 24.78 19.39 -8.69
C ILE A 179 24.98 18.09 -9.49
N CYS A 180 25.06 16.96 -8.83
CA CYS A 180 25.21 15.72 -9.58
C CYS A 180 23.86 15.05 -9.60
N ASP A 181 23.11 15.23 -10.65
CA ASP A 181 21.79 14.64 -10.76
C ASP A 181 21.82 13.11 -10.83
N ASP A 182 21.09 12.46 -9.95
CA ASP A 182 21.02 11.01 -9.96
C ASP A 182 20.05 10.58 -11.05
N ILE A 183 20.08 9.29 -11.35
CA ILE A 183 19.26 8.79 -12.43
C ILE A 183 17.74 9.02 -12.23
N ALA A 184 17.26 8.81 -11.02
CA ALA A 184 15.82 9.02 -10.79
C ALA A 184 15.42 10.47 -11.08
N GLU A 185 16.26 11.40 -10.65
CA GLU A 185 16.01 12.81 -10.92
C GLU A 185 16.00 13.09 -12.36
N GLN A 186 16.96 12.55 -13.10
CA GLN A 186 17.03 12.76 -14.50
C GLN A 186 15.76 12.22 -15.20
N LEU A 187 15.23 11.11 -14.75
CA LEU A 187 14.06 10.57 -15.40
C LEU A 187 12.88 11.51 -15.33
N VAL A 188 12.73 12.20 -14.23
CA VAL A 188 11.56 13.03 -14.00
C VAL A 188 11.77 14.45 -14.45
N PHE A 189 12.97 15.01 -14.24
CA PHE A 189 13.23 16.43 -14.55
C PHE A 189 13.91 16.75 -15.86
N ARG A 190 14.57 15.78 -16.49
CA ARG A 190 15.27 16.05 -17.75
C ARG A 190 14.80 15.21 -18.94
N GLU A 191 15.12 15.66 -20.14
CA GLU A 191 14.76 14.93 -21.35
C GLU A 191 15.85 13.91 -21.62
N PRO A 192 15.49 12.81 -22.26
CA PRO A 192 14.14 12.58 -22.76
C PRO A 192 13.25 11.93 -21.74
N GLY A 193 13.76 11.61 -20.57
CA GLY A 193 12.98 10.94 -19.53
C GLY A 193 11.64 11.57 -19.22
N LYS A 194 11.66 12.90 -19.07
CA LYS A 194 10.50 13.70 -18.69
C LYS A 194 9.39 13.71 -19.71
N ASN A 195 9.72 13.28 -20.93
CA ASN A 195 8.77 13.14 -22.00
C ASN A 195 8.25 11.72 -22.28
N PHE A 196 8.78 10.72 -21.60
CA PHE A 196 8.32 9.33 -21.84
C PHE A 196 6.84 9.28 -21.52
N LYS A 197 6.07 8.62 -22.38
CA LYS A 197 4.66 8.38 -22.12
C LYS A 197 4.46 7.20 -21.20
N VAL A 198 5.37 6.23 -21.22
CA VAL A 198 5.25 5.01 -20.44
C VAL A 198 6.56 4.63 -19.71
N ILE A 199 6.50 4.42 -18.39
CA ILE A 199 7.62 4.06 -17.56
C ILE A 199 7.10 2.99 -16.65
N MET A 200 7.61 1.79 -16.89
CA MET A 200 7.29 0.64 -16.07
C MET A 200 8.44 -0.24 -15.66
N GLY A 201 8.37 -0.66 -14.40
CA GLY A 201 9.31 -1.55 -13.76
C GLY A 201 9.25 -1.45 -12.23
N GLY A 202 10.39 -1.62 -11.57
CA GLY A 202 10.49 -1.48 -10.14
C GLY A 202 11.29 -0.23 -9.80
N GLY A 203 11.77 -0.22 -8.56
CA GLY A 203 12.62 0.83 -8.05
C GLY A 203 11.93 1.99 -7.37
N ARG A 204 10.71 1.78 -6.83
CA ARG A 204 10.04 2.91 -6.14
C ARG A 204 10.94 3.65 -5.17
N ARG A 205 11.79 2.88 -4.49
CA ARG A 205 12.73 3.36 -3.49
C ARG A 205 13.51 4.61 -3.85
N GLY A 206 13.81 4.82 -5.12
CA GLY A 206 14.67 5.93 -5.52
C GLY A 206 13.87 7.18 -5.78
N PHE A 207 12.58 7.12 -5.55
CA PHE A 207 11.71 8.16 -5.95
C PHE A 207 10.99 8.83 -4.79
N PHE A 208 11.26 8.44 -3.55
CA PHE A 208 10.70 9.15 -2.42
C PHE A 208 11.67 9.09 -1.25
N PRO A 209 11.56 10.03 -0.29
CA PRO A 209 12.55 10.16 0.80
C PRO A 209 12.57 9.12 1.91
N GLU A 210 13.63 9.09 2.73
CA GLU A 210 13.67 8.21 3.91
C GLU A 210 12.53 8.53 4.90
N GLU A 211 12.01 9.76 4.87
CA GLU A 211 10.97 10.17 5.81
C GLU A 211 9.62 9.58 5.37
N ALA A 212 9.57 9.15 4.12
CA ALA A 212 8.32 8.67 3.55
C ALA A 212 8.33 7.16 3.44
N LEU A 213 7.13 6.58 3.39
CA LEU A 213 6.98 5.14 3.41
C LEU A 213 6.46 4.61 2.11
N ASP A 214 6.92 3.43 1.73
CA ASP A 214 6.59 2.86 0.46
C ASP A 214 5.12 2.48 0.38
N ILE A 215 4.49 2.75 -0.75
CA ILE A 215 3.22 2.16 -1.08
C ILE A 215 3.56 0.65 -1.12
N GLU A 216 2.62 -0.05 -0.51
CA GLU A 216 2.56 -1.52 -0.45
C GLU A 216 3.23 -2.07 0.77
N ASP A 217 4.48 -1.68 0.97
CA ASP A 217 5.30 -2.28 2.01
C ASP A 217 5.65 -1.39 3.20
N GLY A 218 5.56 -0.09 2.99
CA GLY A 218 5.81 0.89 4.03
C GLY A 218 7.23 0.94 4.44
N ILE A 219 8.09 0.53 3.54
CA ILE A 219 9.52 0.59 3.78
C ILE A 219 9.95 2.07 3.56
N PRO A 220 10.76 2.63 4.42
CA PRO A 220 11.26 3.99 4.15
C PRO A 220 11.98 4.08 2.80
N GLY A 221 11.89 5.23 2.16
CA GLY A 221 12.52 5.52 0.89
C GLY A 221 14.00 5.72 1.04
N GLU A 222 14.73 5.77 -0.09
CA GLU A 222 16.19 6.00 -0.05
C GLU A 222 16.57 7.50 -0.20
N ARG A 223 15.70 8.37 -0.73
CA ARG A 223 16.10 9.75 -1.07
C ARG A 223 16.46 10.46 0.24
N GLU A 224 17.48 11.31 0.19
CA GLU A 224 17.96 12.07 1.38
C GLU A 224 17.80 13.56 1.07
N ASP A 225 17.19 13.89 -0.06
CA ASP A 225 16.95 15.30 -0.38
C ASP A 225 15.47 15.71 -0.28
N GLY A 226 14.65 14.94 0.42
CA GLY A 226 13.25 15.30 0.61
C GLY A 226 12.37 15.26 -0.67
N LYS A 227 12.93 14.91 -1.82
CA LYS A 227 12.17 15.00 -3.05
C LYS A 227 11.22 13.82 -3.22
N HIS A 228 9.96 14.15 -3.51
CA HIS A 228 8.89 13.19 -3.78
C HIS A 228 8.73 13.21 -5.31
N LEU A 229 9.53 12.41 -6.01
CA LEU A 229 9.53 12.50 -7.47
C LEU A 229 8.28 11.96 -8.15
N ILE A 230 7.57 11.01 -7.55
CA ILE A 230 6.39 10.52 -8.23
C ILE A 230 5.30 11.61 -8.31
N THR A 231 5.10 12.31 -7.20
CA THR A 231 4.16 13.44 -7.22
C THR A 231 4.66 14.58 -8.13
N ASP A 232 5.97 14.82 -8.18
CA ASP A 232 6.51 15.79 -9.15
C ASP A 232 6.12 15.38 -10.57
N TRP A 233 6.27 14.10 -10.86
CA TRP A 233 5.96 13.58 -12.20
C TRP A 233 4.47 13.81 -12.48
N LEU A 234 3.61 13.43 -11.52
CA LEU A 234 2.18 13.58 -11.71
C LEU A 234 1.77 15.07 -11.89
N ASP A 235 2.35 15.93 -11.06
CA ASP A 235 2.06 17.39 -11.16
C ASP A 235 2.45 17.90 -12.53
N ASP A 236 3.60 17.46 -13.04
CA ASP A 236 4.11 17.90 -14.32
C ASP A 236 3.10 17.60 -15.42
N LYS A 237 2.60 16.36 -15.46
CA LYS A 237 1.67 16.02 -16.51
C LYS A 237 0.38 16.85 -16.41
N ALA A 238 -0.04 17.02 -15.18
CA ALA A 238 -1.29 17.73 -14.95
C ALA A 238 -1.11 19.19 -15.34
N SER A 239 0.04 19.79 -15.04
CA SER A 239 0.18 21.19 -15.41
C SER A 239 0.23 21.32 -16.91
N GLN A 240 0.54 20.23 -17.64
CA GLN A 240 0.53 20.28 -19.11
C GLN A 240 -0.85 20.04 -19.66
N GLY A 241 -1.82 19.85 -18.78
CA GLY A 241 -3.18 19.55 -19.24
C GLY A 241 -3.33 18.11 -19.76
N ALA A 242 -2.49 17.20 -19.31
CA ALA A 242 -2.56 15.81 -19.74
C ALA A 242 -3.06 14.93 -18.63
N THR A 243 -3.61 13.78 -18.97
CA THR A 243 -4.06 12.87 -17.96
C THR A 243 -2.94 11.86 -17.68
N ALA A 244 -2.70 11.60 -16.41
CA ALA A 244 -1.62 10.70 -15.99
C ALA A 244 -2.10 9.77 -14.92
N SER A 245 -1.46 8.64 -14.91
CA SER A 245 -1.75 7.63 -13.93
C SER A 245 -0.50 6.96 -13.34
N TYR A 246 -0.50 6.76 -12.02
CA TYR A 246 0.55 6.04 -11.31
C TYR A 246 -0.06 4.80 -10.72
N VAL A 247 0.48 3.65 -11.11
CA VAL A 247 0.03 2.36 -10.62
C VAL A 247 1.19 1.60 -10.03
N TRP A 248 0.88 0.71 -9.09
CA TRP A 248 1.87 -0.06 -8.40
C TRP A 248 1.51 -1.53 -8.23
N ASN A 249 0.43 -1.97 -8.86
CA ASN A 249 0.04 -3.39 -8.85
C ASN A 249 -0.60 -3.84 -10.17
N ARG A 250 -0.78 -5.16 -10.29
CA ARG A 250 -1.32 -5.71 -11.48
C ARG A 250 -2.76 -5.30 -11.78
N ASP A 251 -3.65 -5.43 -10.81
CA ASP A 251 -5.05 -5.12 -11.06
C ASP A 251 -5.20 -3.69 -11.53
N ASP A 252 -4.47 -2.78 -10.90
CA ASP A 252 -4.55 -1.41 -11.29
C ASP A 252 -3.97 -1.19 -12.68
N LEU A 253 -2.87 -1.85 -13.01
CA LEU A 253 -2.36 -1.69 -14.34
C LEU A 253 -3.40 -2.10 -15.39
N LEU A 254 -4.01 -3.25 -15.18
CA LEU A 254 -4.92 -3.78 -16.17
C LEU A 254 -6.20 -3.00 -16.23
N ALA A 255 -6.46 -2.21 -15.22
CA ALA A 255 -7.66 -1.40 -15.23
C ALA A 255 -7.42 0.00 -15.86
N VAL A 256 -6.18 0.29 -16.26
CA VAL A 256 -5.92 1.61 -16.81
C VAL A 256 -6.77 1.85 -18.06
N ASP A 257 -7.34 3.03 -18.15
CA ASP A 257 -8.11 3.42 -19.31
C ASP A 257 -7.16 3.87 -20.37
N ILE A 258 -6.88 2.96 -21.31
CA ILE A 258 -5.94 3.24 -22.36
C ILE A 258 -6.32 4.46 -23.24
N ALA A 259 -7.60 4.60 -23.56
CA ALA A 259 -8.00 5.66 -24.48
C ALA A 259 -7.83 7.04 -23.87
N ASN A 260 -8.05 7.11 -22.57
CA ASN A 260 -8.03 8.40 -21.84
C ASN A 260 -6.76 8.67 -21.04
N THR A 261 -5.72 7.87 -21.25
CA THR A 261 -4.50 8.03 -20.46
C THR A 261 -3.35 8.45 -21.34
N ASP A 262 -2.82 9.64 -21.08
CA ASP A 262 -1.66 10.16 -21.82
C ASP A 262 -0.32 9.67 -21.30
N TYR A 263 -0.15 9.59 -19.97
CA TYR A 263 1.10 9.15 -19.36
C TYR A 263 0.81 8.04 -18.37
N LEU A 264 1.70 7.08 -18.33
CA LEU A 264 1.58 5.94 -17.42
C LEU A 264 2.85 5.58 -16.72
N MET A 265 2.84 5.66 -15.39
CA MET A 265 3.98 5.24 -14.59
C MET A 265 3.53 4.10 -13.69
N GLY A 266 4.11 2.93 -13.94
CA GLY A 266 3.86 1.74 -13.15
C GLY A 266 5.11 1.23 -12.49
N LEU A 267 5.21 1.41 -11.18
CA LEU A 267 6.32 0.93 -10.41
C LEU A 267 5.81 -0.10 -9.46
N PHE A 268 6.13 -1.37 -9.76
CA PHE A 268 5.56 -2.49 -9.06
C PHE A 268 6.31 -3.12 -7.96
N SER A 269 7.42 -2.51 -7.53
CA SER A 269 8.21 -2.97 -6.44
C SER A 269 9.09 -1.81 -5.89
N TYR A 270 9.33 -1.86 -4.60
CA TYR A 270 10.27 -0.97 -3.95
C TYR A 270 11.61 -1.07 -4.68
N THR A 271 11.98 -2.29 -5.05
CA THR A 271 13.26 -2.53 -5.74
C THR A 271 13.04 -3.20 -7.10
N HIS A 272 13.85 -4.17 -7.45
CA HIS A 272 13.71 -4.90 -8.71
C HIS A 272 12.41 -5.73 -8.53
N LEU A 273 11.71 -6.02 -9.62
CA LEU A 273 10.51 -6.86 -9.54
C LEU A 273 10.93 -8.24 -9.11
N ASP A 274 10.02 -8.94 -8.45
CA ASP A 274 10.32 -10.31 -8.07
C ASP A 274 10.43 -11.18 -9.28
N THR A 275 11.24 -12.21 -9.11
CA THR A 275 11.56 -13.14 -10.18
C THR A 275 10.33 -13.97 -10.53
N VAL A 276 10.33 -14.47 -11.76
CA VAL A 276 9.23 -15.24 -12.28
C VAL A 276 8.83 -16.33 -11.27
N LEU A 277 9.78 -17.11 -10.80
CA LEU A 277 9.44 -18.23 -9.93
C LEU A 277 9.12 -17.87 -8.47
N THR A 278 9.26 -16.61 -8.08
CA THR A 278 8.90 -16.22 -6.73
C THR A 278 7.77 -15.20 -6.67
N ARG A 279 7.44 -14.57 -7.79
CA ARG A 279 6.50 -13.45 -7.76
C ARG A 279 5.09 -13.89 -7.38
N ASP A 280 4.39 -13.02 -6.70
CA ASP A 280 2.95 -13.16 -6.43
C ASP A 280 2.23 -12.71 -7.69
N ALA A 281 1.64 -13.66 -8.41
CA ALA A 281 1.02 -13.43 -9.70
C ALA A 281 -0.21 -12.55 -9.66
N GLU A 282 -0.74 -12.41 -8.46
CA GLU A 282 -1.89 -11.54 -8.20
C GLU A 282 -1.48 -10.08 -8.13
N MET A 283 -0.31 -9.84 -7.54
CA MET A 283 0.17 -8.46 -7.29
C MET A 283 1.06 -7.84 -8.40
N ASP A 284 1.84 -8.71 -9.03
CA ASP A 284 2.81 -8.29 -10.10
C ASP A 284 2.40 -8.65 -11.51
N PRO A 285 2.47 -7.67 -12.39
CA PRO A 285 2.19 -7.91 -13.78
C PRO A 285 3.40 -8.60 -14.37
N THR A 286 3.17 -9.52 -15.30
CA THR A 286 4.28 -10.18 -15.97
C THR A 286 4.91 -9.28 -17.02
N LEU A 287 6.07 -9.69 -17.56
CA LEU A 287 6.69 -8.89 -18.62
C LEU A 287 5.79 -8.71 -19.81
N PRO A 288 5.18 -9.77 -20.33
CA PRO A 288 4.21 -9.60 -21.41
C PRO A 288 3.03 -8.65 -21.09
N GLU A 289 2.52 -8.72 -19.88
CA GLU A 289 1.40 -7.85 -19.47
C GLU A 289 1.86 -6.40 -19.51
N MET A 290 3.04 -6.12 -18.99
CA MET A 290 3.57 -4.74 -19.09
C MET A 290 3.78 -4.30 -20.51
N THR A 291 4.35 -5.20 -21.32
CA THR A 291 4.57 -4.93 -22.70
C THR A 291 3.25 -4.57 -23.38
N LYS A 292 2.23 -5.35 -23.08
CA LYS A 292 0.94 -5.15 -23.73
C LYS A 292 0.43 -3.74 -23.50
N VAL A 293 0.41 -3.33 -22.25
CA VAL A 293 -0.12 -2.02 -21.90
C VAL A 293 0.74 -0.95 -22.51
N ALA A 294 2.05 -1.13 -22.44
CA ALA A 294 2.94 -0.16 -23.04
C ALA A 294 2.63 0.04 -24.52
N ILE A 295 2.48 -1.06 -25.25
CA ILE A 295 2.17 -0.95 -26.67
C ILE A 295 0.81 -0.27 -26.86
N GLU A 296 -0.15 -0.68 -26.06
CA GLU A 296 -1.50 -0.09 -26.14
C GLU A 296 -1.45 1.44 -26.06
N MET A 297 -0.66 1.96 -25.13
CA MET A 297 -0.52 3.41 -24.97
C MET A 297 0.28 4.14 -26.03
N LEU A 298 1.44 3.61 -26.34
CA LEU A 298 2.34 4.27 -27.28
C LEU A 298 1.82 4.21 -28.70
N THR A 299 1.07 3.15 -29.04
CA THR A 299 0.61 3.01 -30.41
C THR A 299 -0.55 3.97 -30.72
N LYS A 300 -1.05 4.67 -29.70
CA LYS A 300 -1.97 5.81 -29.99
C LYS A 300 -1.31 6.89 -30.83
N ASP A 301 0.01 6.98 -30.79
CA ASP A 301 0.73 8.00 -31.57
C ASP A 301 0.85 7.55 -33.04
N GLU A 302 0.12 8.21 -33.93
CA GLU A 302 0.12 7.80 -35.33
C GLU A 302 1.45 8.08 -36.02
N ASN A 303 2.30 8.87 -35.40
CA ASN A 303 3.60 9.13 -36.00
C ASN A 303 4.62 8.03 -35.62
N GLY A 304 4.24 7.18 -34.69
CA GLY A 304 5.12 6.08 -34.33
C GLY A 304 5.63 6.16 -32.92
N PHE A 305 6.34 5.12 -32.46
CA PHE A 305 6.93 5.12 -31.11
C PHE A 305 8.14 4.21 -30.98
N PHE A 306 8.95 4.45 -29.95
CA PHE A 306 10.03 3.56 -29.55
C PHE A 306 9.74 3.02 -28.15
N LEU A 307 9.90 1.73 -27.98
CA LEU A 307 9.73 1.10 -26.71
C LEU A 307 10.90 0.17 -26.45
N LEU A 308 11.53 0.31 -25.28
CA LEU A 308 12.50 -0.62 -24.78
C LEU A 308 11.83 -1.54 -23.75
N VAL A 309 11.92 -2.85 -23.96
CA VAL A 309 11.50 -3.86 -23.00
C VAL A 309 12.69 -4.66 -22.54
N GLU A 310 12.93 -4.69 -21.26
CA GLU A 310 14.05 -5.45 -20.72
C GLU A 310 13.69 -6.66 -19.88
N GLY A 311 14.25 -7.81 -20.28
CA GLY A 311 14.21 -9.03 -19.49
C GLY A 311 15.44 -8.95 -18.61
N GLY A 312 15.31 -8.23 -17.50
CA GLY A 312 16.50 -7.86 -16.75
C GLY A 312 17.08 -8.74 -15.69
N ARG A 313 16.28 -9.65 -15.14
CA ARG A 313 16.77 -10.41 -14.01
C ARG A 313 17.45 -11.70 -14.45
N ILE A 314 17.49 -11.86 -15.77
CA ILE A 314 18.31 -12.93 -16.40
C ILE A 314 19.74 -12.85 -15.82
N ASP A 315 20.26 -11.62 -15.87
CA ASP A 315 21.57 -11.30 -15.41
C ASP A 315 21.74 -11.59 -13.94
N HIS A 316 20.80 -11.09 -13.13
CA HIS A 316 20.87 -11.28 -11.69
C HIS A 316 20.89 -12.76 -11.30
N MET A 317 20.11 -13.58 -11.96
CA MET A 317 20.10 -14.99 -11.62
C MET A 317 21.43 -15.69 -12.03
N HIS A 318 21.98 -15.28 -13.15
CA HIS A 318 23.26 -15.84 -13.63
C HIS A 318 24.35 -15.43 -12.64
N HIS A 319 24.31 -14.18 -12.12
CA HIS A 319 25.30 -13.72 -11.14
C HIS A 319 25.38 -14.63 -9.90
N ALA A 320 24.25 -15.18 -9.48
CA ALA A 320 24.21 -16.10 -8.36
C ALA A 320 24.38 -17.55 -8.81
N ASN A 321 24.62 -17.77 -10.11
CA ASN A 321 24.70 -19.12 -10.72
C ASN A 321 23.39 -19.91 -10.57
N GLN A 322 22.30 -19.17 -10.46
CA GLN A 322 20.93 -19.68 -10.24
C GLN A 322 20.27 -19.89 -11.64
N ILE A 323 20.73 -20.91 -12.33
CA ILE A 323 20.38 -21.06 -13.74
C ILE A 323 18.91 -21.34 -13.98
N ARG A 324 18.27 -22.11 -13.11
CA ARG A 324 16.85 -22.38 -13.30
C ARG A 324 16.07 -21.06 -13.36
N GLN A 325 16.32 -20.20 -12.40
CA GLN A 325 15.60 -18.93 -12.39
C GLN A 325 15.96 -18.08 -13.60
N SER A 326 17.22 -18.13 -14.04
CA SER A 326 17.64 -17.35 -15.20
C SER A 326 16.85 -17.77 -16.41
N LEU A 327 16.63 -19.06 -16.59
CA LEU A 327 15.92 -19.52 -17.73
C LEU A 327 14.44 -19.09 -17.68
N ALA A 328 13.87 -19.11 -16.51
CA ALA A 328 12.47 -18.70 -16.29
C ALA A 328 12.31 -17.23 -16.66
N GLU A 329 13.27 -16.38 -16.25
CA GLU A 329 13.22 -14.95 -16.65
C GLU A 329 13.32 -14.79 -18.12
N THR A 330 14.18 -15.63 -18.73
CA THR A 330 14.37 -15.57 -20.16
C THR A 330 13.06 -15.83 -20.85
N LEU A 331 12.33 -16.89 -20.42
CA LEU A 331 11.04 -17.20 -21.08
C LEU A 331 9.99 -16.11 -20.88
N ASP A 332 10.01 -15.45 -19.74
CA ASP A 332 9.09 -14.33 -19.54
C ASP A 332 9.31 -13.29 -20.66
N MET A 333 10.56 -13.14 -21.13
CA MET A 333 10.84 -12.15 -22.18
C MET A 333 10.46 -12.74 -23.54
N GLU A 334 10.71 -14.02 -23.73
CA GLU A 334 10.31 -14.70 -24.97
C GLU A 334 8.79 -14.53 -25.20
N GLU A 335 8.05 -14.62 -24.10
CA GLU A 335 6.56 -14.44 -24.14
C GLU A 335 6.17 -13.01 -24.45
N ALA A 336 6.98 -12.07 -23.95
CA ALA A 336 6.75 -10.68 -24.28
C ALA A 336 6.97 -10.33 -25.75
N VAL A 337 7.96 -10.96 -26.39
CA VAL A 337 8.19 -10.74 -27.80
C VAL A 337 6.95 -11.21 -28.55
N SER A 338 6.48 -12.38 -28.18
CA SER A 338 5.29 -12.93 -28.82
C SER A 338 4.10 -12.00 -28.63
N MET A 339 3.95 -11.42 -27.45
CA MET A 339 2.88 -10.45 -27.22
C MET A 339 3.02 -9.27 -28.19
N ALA A 340 4.23 -8.68 -28.30
CA ALA A 340 4.45 -7.62 -29.23
C ALA A 340 4.18 -7.94 -30.73
N LEU A 341 4.66 -9.10 -31.17
CA LEU A 341 4.44 -9.52 -32.55
C LEU A 341 2.94 -9.57 -32.89
N SER A 342 2.16 -10.07 -31.95
CA SER A 342 0.72 -10.22 -32.11
C SER A 342 -0.05 -8.91 -32.06
N MET A 343 0.62 -7.85 -31.66
CA MET A 343 -0.04 -6.58 -31.43
C MET A 343 0.29 -5.54 -32.43
N THR A 344 1.30 -5.80 -33.23
CA THR A 344 1.79 -4.84 -34.14
C THR A 344 1.84 -5.39 -35.55
N ASP A 345 2.14 -4.47 -36.44
CA ASP A 345 2.19 -4.68 -37.89
C ASP A 345 3.63 -4.63 -38.38
N PRO A 346 4.10 -5.78 -38.86
CA PRO A 346 5.49 -5.95 -39.29
C PRO A 346 5.87 -5.11 -40.50
N GLU A 347 4.86 -4.58 -41.17
CA GLU A 347 5.12 -3.76 -42.29
C GLU A 347 5.54 -2.42 -41.77
N GLU A 348 5.30 -2.12 -40.51
CA GLU A 348 5.65 -0.81 -39.97
C GLU A 348 6.38 -0.80 -38.62
N THR A 349 6.49 -1.99 -38.04
CA THR A 349 7.13 -2.19 -36.74
C THR A 349 8.42 -3.08 -36.81
N ILE A 350 9.56 -2.54 -36.35
CA ILE A 350 10.75 -3.32 -36.13
C ILE A 350 10.73 -3.88 -34.72
N ILE A 351 10.87 -5.19 -34.61
CA ILE A 351 11.07 -5.85 -33.34
C ILE A 351 12.49 -6.44 -33.39
N LEU A 352 13.31 -5.95 -32.47
CA LEU A 352 14.70 -6.33 -32.34
C LEU A 352 14.94 -6.89 -30.94
N VAL A 353 15.62 -8.01 -30.86
CA VAL A 353 16.00 -8.65 -29.61
C VAL A 353 17.51 -8.79 -29.58
N THR A 354 18.13 -8.41 -28.46
CA THR A 354 19.54 -8.66 -28.28
C THR A 354 19.87 -8.83 -26.80
N ALA A 355 21.17 -8.97 -26.51
CA ALA A 355 21.63 -8.99 -25.19
C ALA A 355 22.65 -7.86 -25.03
N ASP A 356 22.84 -7.37 -23.83
CA ASP A 356 23.86 -6.33 -23.61
C ASP A 356 25.25 -6.93 -23.52
N HIS A 357 25.34 -8.15 -23.00
CA HIS A 357 26.54 -8.93 -22.87
C HIS A 357 26.06 -10.33 -22.47
N GLY A 358 26.95 -11.30 -22.45
CA GLY A 358 26.59 -12.62 -21.98
C GLY A 358 26.92 -12.96 -20.54
N HIS A 359 26.88 -14.25 -20.25
CA HIS A 359 27.20 -14.83 -18.97
C HIS A 359 27.93 -16.14 -19.31
N THR A 360 28.68 -16.68 -18.36
CA THR A 360 29.60 -17.82 -18.63
C THR A 360 28.92 -19.16 -18.57
N LEU A 361 27.69 -19.22 -19.04
CA LEU A 361 26.96 -20.47 -19.06
C LEU A 361 27.44 -21.39 -20.19
N THR A 362 27.54 -22.66 -19.85
CA THR A 362 27.92 -23.70 -20.82
C THR A 362 26.96 -24.88 -20.68
N ILE A 363 26.83 -25.62 -21.78
CA ILE A 363 25.93 -26.77 -21.91
C ILE A 363 26.79 -28.00 -22.18
N THR A 364 27.04 -28.78 -21.14
CA THR A 364 27.92 -29.93 -21.24
C THR A 364 27.16 -31.17 -21.71
N GLY A 365 27.90 -32.14 -22.22
CA GLY A 365 27.35 -33.42 -22.62
C GLY A 365 27.48 -34.42 -21.49
N TYR A 366 26.91 -35.60 -21.62
CA TYR A 366 26.19 -36.00 -22.81
C TYR A 366 24.82 -36.64 -22.48
N ALA A 367 23.85 -35.84 -22.02
CA ALA A 367 22.49 -36.30 -21.81
C ALA A 367 21.76 -36.58 -23.09
N ASP A 368 20.85 -37.54 -22.98
CA ASP A 368 19.99 -37.93 -24.10
C ASP A 368 19.03 -36.83 -24.50
N ARG A 369 18.52 -36.93 -25.70
CA ARG A 369 17.46 -36.05 -26.15
C ARG A 369 16.34 -36.22 -25.13
N ASN A 370 15.59 -35.14 -24.93
CA ASN A 370 14.43 -35.09 -24.05
C ASN A 370 14.76 -35.03 -22.59
N THR A 371 16.06 -34.89 -22.27
CA THR A 371 16.49 -34.71 -20.90
C THR A 371 16.26 -33.23 -20.48
N ASP A 372 15.73 -33.06 -19.28
CA ASP A 372 15.51 -31.75 -18.66
C ASP A 372 16.85 -31.03 -18.60
N ILE A 373 16.90 -29.87 -19.21
CA ILE A 373 18.14 -29.14 -19.33
C ILE A 373 18.79 -28.83 -18.02
N LEU A 374 17.98 -28.90 -16.96
CA LEU A 374 18.50 -28.62 -15.67
C LEU A 374 18.92 -29.87 -14.88
N ASP A 375 18.92 -31.02 -15.55
CA ASP A 375 19.24 -32.29 -14.90
C ASP A 375 20.73 -32.57 -14.89
N PHE A 376 21.11 -33.70 -14.30
CA PHE A 376 22.45 -34.21 -14.39
C PHE A 376 22.81 -34.61 -15.81
N ALA A 377 24.08 -34.51 -16.16
CA ALA A 377 24.59 -34.94 -17.44
C ALA A 377 25.19 -36.35 -17.38
N GLY A 378 25.81 -36.68 -16.26
CA GLY A 378 26.45 -37.97 -16.08
C GLY A 378 27.31 -37.97 -14.84
N ILE A 379 28.31 -38.86 -14.83
CA ILE A 379 29.24 -38.97 -13.72
C ILE A 379 30.68 -38.76 -14.14
N SER A 380 31.43 -37.93 -13.41
CA SER A 380 32.82 -37.68 -13.76
C SER A 380 33.68 -38.94 -13.73
N ASP A 381 34.56 -39.07 -14.72
CA ASP A 381 35.47 -40.22 -14.81
C ASP A 381 36.76 -39.95 -14.04
N LEU A 382 36.82 -38.79 -13.40
CA LEU A 382 37.99 -38.43 -12.62
C LEU A 382 37.67 -38.57 -11.13
N ASP A 383 36.52 -38.09 -10.66
CA ASP A 383 36.22 -38.23 -9.23
C ASP A 383 35.00 -39.02 -8.87
N ASP A 384 34.35 -39.63 -9.85
CA ASP A 384 33.17 -40.46 -9.64
C ASP A 384 31.91 -39.79 -9.08
N ARG A 385 31.85 -38.48 -9.18
CA ARG A 385 30.73 -37.72 -8.69
C ARG A 385 29.92 -37.13 -9.85
N ARG A 386 28.60 -37.04 -9.67
CA ARG A 386 27.70 -36.46 -10.68
C ARG A 386 28.12 -35.03 -11.12
N TYR A 387 27.72 -34.64 -12.33
CA TYR A 387 27.87 -33.25 -12.76
C TYR A 387 26.62 -32.89 -13.53
N THR A 388 26.27 -31.62 -13.54
CA THR A 388 25.14 -31.16 -14.31
C THR A 388 25.45 -30.78 -15.75
N ILE A 389 24.42 -30.85 -16.60
CA ILE A 389 24.48 -30.41 -17.96
C ILE A 389 24.94 -28.95 -18.03
N LEU A 390 24.26 -28.12 -17.27
CA LEU A 390 24.55 -26.68 -17.25
C LEU A 390 25.55 -26.35 -16.17
N ASP A 391 26.52 -25.52 -16.49
CA ASP A 391 27.41 -25.03 -15.46
C ASP A 391 28.07 -23.74 -15.96
N TYR A 392 28.90 -23.14 -15.15
CA TYR A 392 29.49 -21.85 -15.47
C TYR A 392 31.00 -21.76 -15.42
N GLY A 393 31.52 -20.77 -16.13
CA GLY A 393 32.91 -20.43 -16.09
C GLY A 393 33.27 -19.58 -14.88
N SER A 394 32.27 -18.89 -14.34
CA SER A 394 32.46 -18.00 -13.17
C SER A 394 31.26 -17.99 -12.26
N GLY A 395 31.51 -17.84 -10.96
CA GLY A 395 30.47 -17.65 -9.97
C GLY A 395 30.61 -18.36 -8.65
N PRO A 396 29.61 -18.17 -7.78
CA PRO A 396 29.60 -18.74 -6.46
C PRO A 396 29.25 -20.20 -6.42
N GLY A 397 28.90 -20.82 -7.54
CA GLY A 397 28.54 -22.24 -7.53
C GLY A 397 29.75 -23.18 -7.33
N TYR A 398 30.95 -22.64 -7.43
CA TYR A 398 32.14 -23.46 -7.22
C TYR A 398 32.16 -23.86 -5.75
N HIS A 399 32.39 -25.15 -5.48
CA HIS A 399 32.24 -25.60 -4.09
C HIS A 399 33.11 -26.86 -3.79
N ILE A 400 34.10 -26.65 -2.94
CA ILE A 400 34.94 -27.74 -2.42
C ILE A 400 34.38 -28.13 -1.06
N THR A 401 33.97 -29.37 -0.88
CA THR A 401 33.37 -29.79 0.39
C THR A 401 34.31 -29.79 1.58
N GLU A 402 33.74 -30.04 2.75
CA GLU A 402 34.55 -30.06 3.97
C GLU A 402 35.72 -31.06 3.83
N ASP A 403 35.53 -32.20 3.14
CA ASP A 403 36.64 -33.17 2.96
C ASP A 403 37.62 -32.89 1.83
N GLY A 404 37.49 -31.75 1.13
CA GLY A 404 38.38 -31.42 0.06
C GLY A 404 38.02 -32.15 -1.22
N LYS A 405 36.74 -32.40 -1.41
CA LYS A 405 36.28 -33.03 -2.63
C LYS A 405 35.40 -32.03 -3.36
N ARG A 406 35.11 -32.31 -4.63
CA ARG A 406 34.16 -31.50 -5.37
C ARG A 406 32.76 -31.78 -4.91
N TYR A 407 32.02 -30.73 -4.56
CA TYR A 407 30.65 -30.89 -4.17
C TYR A 407 29.89 -31.65 -5.22
N GLU A 408 29.11 -32.65 -4.80
CA GLU A 408 28.30 -33.42 -5.70
C GLU A 408 26.89 -32.92 -5.57
N PRO A 409 26.32 -32.37 -6.63
CA PRO A 409 24.94 -31.92 -6.57
C PRO A 409 24.00 -33.10 -6.38
N THR A 410 22.89 -32.88 -5.68
CA THR A 410 21.84 -33.87 -5.51
C THR A 410 20.57 -33.52 -6.24
N GLU A 411 19.72 -34.53 -6.32
CA GLU A 411 18.43 -34.40 -6.92
C GLU A 411 17.66 -33.24 -6.25
N GLU A 412 17.83 -33.11 -4.94
CA GLU A 412 17.15 -32.05 -4.20
C GLU A 412 17.71 -30.69 -4.61
N ASP A 413 19.03 -30.62 -4.78
CA ASP A 413 19.69 -29.38 -5.20
C ASP A 413 19.07 -28.90 -6.55
N LEU A 414 18.98 -29.81 -7.53
CA LEU A 414 18.53 -29.44 -8.87
C LEU A 414 17.17 -28.78 -8.89
N LYS A 415 16.29 -29.26 -8.00
CA LYS A 415 14.92 -28.77 -7.89
C LYS A 415 14.83 -27.46 -7.14
N ASP A 416 15.82 -27.17 -6.32
CA ASP A 416 15.85 -25.94 -5.53
C ASP A 416 16.08 -24.67 -6.36
N ILE A 417 15.09 -23.77 -6.39
CA ILE A 417 15.20 -22.54 -7.17
C ILE A 417 16.32 -21.64 -6.68
N ASN A 418 16.88 -21.90 -5.53
CA ASN A 418 18.02 -21.12 -5.10
C ASN A 418 19.33 -21.83 -5.20
N PHE A 419 19.33 -23.00 -5.85
CA PHE A 419 20.57 -23.77 -5.94
C PHE A 419 21.55 -23.18 -6.95
N ARG A 420 22.80 -23.01 -6.54
CA ARG A 420 23.81 -22.45 -7.43
C ARG A 420 24.62 -23.56 -8.13
N TYR A 421 24.48 -23.63 -9.45
CA TYR A 421 25.15 -24.65 -10.25
C TYR A 421 26.61 -24.34 -10.28
N ALA A 422 27.43 -25.37 -10.48
CA ALA A 422 28.90 -25.21 -10.38
C ALA A 422 29.58 -24.25 -11.34
N SER A 423 30.62 -23.61 -10.84
CA SER A 423 31.45 -22.75 -11.69
C SER A 423 32.88 -23.24 -11.66
N ALA A 424 33.65 -22.71 -12.60
CA ALA A 424 35.07 -23.05 -12.70
C ALA A 424 35.94 -22.09 -11.93
N ALA A 425 35.47 -20.89 -11.69
CA ALA A 425 36.30 -19.89 -11.01
C ALA A 425 35.44 -19.16 -9.98
N PRO A 426 35.62 -19.49 -8.72
CA PRO A 426 34.80 -18.94 -7.65
C PRO A 426 34.91 -17.44 -7.49
N LYS A 427 33.71 -16.88 -7.36
CA LYS A 427 33.54 -15.45 -7.18
C LYS A 427 32.18 -15.28 -6.52
N HIS A 428 32.06 -14.29 -5.64
CA HIS A 428 30.81 -14.08 -4.96
C HIS A 428 29.62 -13.78 -5.97
N SER A 429 29.91 -12.95 -6.98
CA SER A 429 29.03 -12.72 -8.10
C SER A 429 29.78 -13.14 -9.38
N ALA A 430 29.13 -13.98 -10.19
CA ALA A 430 29.73 -14.34 -11.46
C ALA A 430 30.05 -13.13 -12.27
N THR A 431 31.12 -13.17 -13.05
CA THR A 431 31.40 -12.10 -13.96
C THR A 431 30.51 -12.32 -15.19
N HIS A 432 30.37 -11.24 -15.94
CA HIS A 432 29.74 -11.27 -17.24
C HIS A 432 30.77 -12.09 -18.09
N ASP A 433 30.33 -12.40 -19.31
CA ASP A 433 31.09 -13.15 -20.31
C ASP A 433 31.28 -12.26 -21.51
N GLY A 434 32.49 -12.33 -22.04
CA GLY A 434 32.98 -11.50 -23.14
C GLY A 434 32.66 -11.91 -24.57
N THR A 435 32.09 -13.09 -24.75
CA THR A 435 31.72 -13.64 -26.04
C THR A 435 30.65 -12.83 -26.75
N ASP A 436 30.77 -12.71 -28.07
CA ASP A 436 29.74 -12.09 -28.86
C ASP A 436 28.35 -12.64 -28.52
N VAL A 437 27.36 -11.76 -28.59
CA VAL A 437 25.98 -12.08 -28.34
C VAL A 437 25.14 -11.99 -29.62
N GLY A 438 23.95 -12.54 -29.52
CA GLY A 438 23.03 -12.53 -30.63
C GLY A 438 22.14 -11.29 -30.77
N ILE A 439 21.73 -11.10 -32.01
CA ILE A 439 20.79 -10.09 -32.39
C ILE A 439 19.82 -10.78 -33.33
N TRP A 440 18.53 -10.57 -33.09
CA TRP A 440 17.50 -11.08 -33.96
C TRP A 440 16.49 -9.95 -34.28
N VAL A 441 16.16 -9.81 -35.56
CA VAL A 441 15.34 -8.71 -36.06
C VAL A 441 14.24 -9.07 -37.07
N ASN A 442 13.08 -8.38 -36.94
CA ASN A 442 11.91 -8.59 -37.77
C ASN A 442 11.38 -7.21 -38.09
N GLY A 443 10.82 -7.08 -39.28
CA GLY A 443 10.16 -5.88 -39.75
C GLY A 443 10.99 -5.13 -40.75
N PRO A 444 10.67 -3.85 -40.92
CA PRO A 444 11.29 -2.94 -41.88
C PRO A 444 12.79 -2.85 -41.72
N PHE A 445 13.54 -3.16 -42.77
CA PHE A 445 14.98 -3.07 -42.72
C PHE A 445 15.64 -4.06 -41.74
N ALA A 446 14.95 -5.17 -41.45
CA ALA A 446 15.56 -6.21 -40.63
C ALA A 446 16.86 -6.74 -41.27
N HIS A 447 16.91 -6.63 -42.60
CA HIS A 447 18.06 -7.05 -43.37
C HIS A 447 19.28 -6.09 -43.22
N LEU A 448 19.23 -5.10 -42.34
CA LEU A 448 20.43 -4.35 -41.99
C LEU A 448 21.23 -5.14 -40.95
N PHE A 449 20.70 -6.29 -40.52
CA PHE A 449 21.35 -7.09 -39.48
C PHE A 449 21.62 -8.46 -40.04
N THR A 450 22.73 -8.61 -40.76
CA THR A 450 23.04 -9.92 -41.38
C THR A 450 24.32 -10.54 -40.88
N GLY A 451 25.35 -9.73 -40.61
CA GLY A 451 26.63 -10.24 -40.27
C GLY A 451 27.04 -10.09 -38.85
N VAL A 452 28.22 -9.50 -38.65
CA VAL A 452 28.85 -9.42 -37.35
C VAL A 452 29.10 -7.96 -37.21
N TYR A 453 28.66 -7.37 -36.09
CA TYR A 453 28.73 -5.90 -35.87
C TYR A 453 29.30 -5.52 -34.51
N GLU A 454 29.83 -4.30 -34.43
CA GLU A 454 30.14 -3.68 -33.16
C GLU A 454 28.79 -3.42 -32.47
N GLU A 455 28.71 -3.63 -31.16
CA GLU A 455 27.42 -3.47 -30.41
C GLU A 455 26.79 -2.09 -30.66
N ASN A 456 27.62 -1.05 -30.81
CA ASN A 456 27.06 0.31 -31.00
C ASN A 456 26.48 0.59 -32.37
N TYR A 457 26.64 -0.38 -33.29
CA TYR A 457 26.06 -0.26 -34.59
C TYR A 457 24.59 -0.23 -34.52
N ILE A 458 24.05 -1.00 -33.58
CA ILE A 458 22.61 -1.24 -33.52
C ILE A 458 21.70 0.00 -33.68
N PRO A 459 21.82 1.00 -32.84
CA PRO A 459 20.90 2.14 -32.93
C PRO A 459 21.10 3.00 -34.16
N HIS A 460 22.28 3.00 -34.73
CA HIS A 460 22.53 3.71 -35.99
C HIS A 460 21.70 3.08 -37.10
N ALA A 461 21.73 1.76 -37.15
CA ALA A 461 20.94 1.04 -38.13
C ALA A 461 19.47 1.29 -37.88
N LEU A 462 19.06 1.17 -36.61
CA LEU A 462 17.64 1.42 -36.29
C LEU A 462 17.18 2.84 -36.71
N ALA A 463 18.03 3.83 -36.48
CA ALA A 463 17.69 5.20 -36.81
C ALA A 463 17.53 5.43 -38.31
N TYR A 464 18.33 4.73 -39.10
CA TYR A 464 18.29 4.84 -40.53
C TYR A 464 16.93 4.41 -40.98
N ALA A 465 16.52 3.28 -40.41
CA ALA A 465 15.28 2.66 -40.80
C ALA A 465 14.08 3.44 -40.29
N ALA A 466 14.18 4.05 -39.11
CA ALA A 466 13.04 4.79 -38.58
C ALA A 466 12.99 6.25 -39.03
N CYS A 467 14.08 6.71 -39.67
CA CYS A 467 14.27 8.11 -40.09
C CYS A 467 14.29 9.06 -38.91
N VAL A 468 15.22 8.83 -37.99
CA VAL A 468 15.34 9.69 -36.85
C VAL A 468 16.79 9.91 -36.66
N GLY A 469 17.13 10.95 -35.93
CA GLY A 469 18.51 11.24 -35.63
C GLY A 469 19.21 12.01 -36.73
N THR A 470 20.52 12.19 -36.53
CA THR A 470 21.32 13.01 -37.46
C THR A 470 22.36 12.21 -38.15
N GLY A 471 21.99 11.09 -38.75
CA GLY A 471 22.97 10.28 -39.44
C GLY A 471 22.26 9.91 -40.69
N ARG A 472 22.85 9.04 -41.49
CA ARG A 472 22.20 8.55 -42.68
C ARG A 472 20.81 8.05 -42.35
N THR A 473 19.86 8.39 -43.21
CA THR A 473 18.48 8.03 -43.01
C THR A 473 17.83 7.54 -44.32
N PHE A 474 16.92 6.59 -44.23
CA PHE A 474 16.17 6.13 -45.39
C PHE A 474 15.41 7.27 -46.04
N CYS A 475 14.81 8.13 -45.21
CA CYS A 475 14.03 9.25 -45.74
C CYS A 475 14.94 10.33 -46.33
N ASP A 476 16.21 10.22 -46.00
CA ASP A 476 17.23 11.15 -46.43
C ASP A 476 17.35 11.15 -47.95
N GLU B 1 -44.51 -20.24 26.98
CA GLU B 1 -45.11 -18.98 26.45
C GLU B 1 -45.08 -17.96 27.62
N GLU B 2 -45.09 -16.68 27.30
CA GLU B 2 -44.91 -15.60 28.26
C GLU B 2 -46.13 -15.31 29.15
N ASP B 3 -46.48 -16.27 30.00
CA ASP B 3 -47.65 -16.18 30.83
C ASP B 3 -47.30 -15.72 32.24
N LYS B 4 -48.27 -15.76 33.14
CA LYS B 4 -48.07 -15.29 34.48
C LYS B 4 -46.88 -15.91 35.23
N ALA B 5 -46.82 -17.23 35.22
CA ALA B 5 -45.71 -17.96 35.82
C ALA B 5 -44.34 -17.61 35.19
N TYR B 6 -44.29 -17.52 33.89
CA TYR B 6 -43.11 -17.15 33.13
C TYR B 6 -42.56 -15.79 33.66
N TRP B 7 -43.41 -14.78 33.71
CA TRP B 7 -42.93 -13.46 34.13
C TRP B 7 -42.58 -13.44 35.56
N ASN B 8 -43.31 -14.19 36.40
CA ASN B 8 -42.99 -14.20 37.81
C ASN B 8 -41.61 -14.85 38.10
N LYS B 9 -41.30 -15.91 37.37
CA LYS B 9 -39.99 -16.56 37.53
C LYS B 9 -38.91 -15.63 36.94
N ASP B 10 -39.18 -15.07 35.77
CA ASP B 10 -38.25 -14.12 35.15
C ASP B 10 -37.89 -13.05 36.15
N ALA B 11 -38.89 -12.48 36.82
CA ALA B 11 -38.65 -11.44 37.82
C ALA B 11 -37.97 -11.93 39.08
N GLN B 12 -38.43 -13.07 39.60
CA GLN B 12 -37.83 -13.62 40.79
C GLN B 12 -36.33 -13.89 40.58
N ASP B 13 -35.99 -14.38 39.41
CA ASP B 13 -34.59 -14.61 39.07
C ASP B 13 -33.80 -13.30 39.07
N ALA B 14 -34.34 -12.25 38.46
CA ALA B 14 -33.64 -10.99 38.47
C ALA B 14 -33.43 -10.48 39.85
N LEU B 15 -34.44 -10.69 40.68
CA LEU B 15 -34.34 -10.25 42.07
C LEU B 15 -33.27 -11.03 42.79
N ASP B 16 -33.26 -12.34 42.51
CA ASP B 16 -32.24 -13.21 43.09
C ASP B 16 -30.81 -12.74 42.67
N LYS B 17 -30.67 -12.31 41.43
CA LYS B 17 -29.39 -11.79 40.90
C LYS B 17 -29.03 -10.49 41.62
N GLN B 18 -30.00 -9.62 41.80
CA GLN B 18 -29.74 -8.34 42.43
C GLN B 18 -29.32 -8.48 43.90
N LEU B 19 -29.96 -9.41 44.59
CA LEU B 19 -29.65 -9.67 45.98
C LEU B 19 -28.26 -10.27 46.20
N GLY B 20 -27.76 -10.95 45.18
CA GLY B 20 -26.45 -11.57 45.22
C GLY B 20 -25.31 -10.66 44.80
N ILE B 21 -25.59 -9.39 44.49
CA ILE B 21 -24.53 -8.46 44.07
C ILE B 21 -23.52 -8.32 45.16
N LYS B 22 -22.26 -8.54 44.83
CA LYS B 22 -21.18 -8.38 45.79
C LYS B 22 -20.40 -7.14 45.43
N LEU B 23 -20.32 -6.16 46.31
CA LEU B 23 -19.58 -4.92 46.03
C LEU B 23 -18.08 -5.20 45.90
N ARG B 24 -17.41 -4.37 45.09
CA ARG B 24 -15.97 -4.47 44.87
C ARG B 24 -15.35 -3.20 45.32
N GLU B 25 -14.86 -3.21 46.55
CA GLU B 25 -14.23 -2.05 47.10
C GLU B 25 -12.74 -2.28 47.12
N LYS B 26 -12.15 -2.37 45.94
CA LYS B 26 -10.72 -2.57 45.78
C LYS B 26 -10.25 -1.73 44.60
N GLN B 27 -9.03 -1.25 44.64
CA GLN B 27 -8.45 -0.48 43.55
C GLN B 27 -8.63 -1.11 42.17
N ALA B 28 -8.86 -0.27 41.16
CA ALA B 28 -8.87 -0.80 39.81
C ALA B 28 -7.48 -0.70 39.22
N LYS B 29 -7.07 -1.80 38.62
CA LYS B 29 -5.73 -1.92 38.02
C LYS B 29 -5.89 -1.38 36.61
N ASN B 30 -6.92 -1.88 35.93
CA ASN B 30 -7.26 -1.48 34.55
C ASN B 30 -8.62 -0.80 34.38
N VAL B 31 -8.71 0.08 33.37
CA VAL B 31 -9.94 0.77 33.02
C VAL B 31 -10.10 0.71 31.51
N ILE B 32 -11.15 0.05 31.03
CA ILE B 32 -11.51 0.01 29.62
C ILE B 32 -12.83 0.79 29.46
N PHE B 33 -12.73 1.90 28.73
CA PHE B 33 -13.79 2.89 28.53
C PHE B 33 -14.33 2.78 27.12
N PHE B 34 -15.58 2.31 26.96
CA PHE B 34 -16.19 2.24 25.64
C PHE B 34 -17.11 3.42 25.43
N LEU B 35 -16.99 4.03 24.27
CA LEU B 35 -17.73 5.23 23.94
C LEU B 35 -18.47 5.05 22.64
N GLY B 36 -19.79 4.96 22.74
CA GLY B 36 -20.64 4.88 21.57
C GLY B 36 -21.01 6.28 21.15
N ASP B 37 -20.42 6.80 20.08
CA ASP B 37 -20.66 8.21 19.70
C ASP B 37 -22.04 8.42 19.13
N GLY B 38 -22.83 9.23 19.83
CA GLY B 38 -24.18 9.57 19.46
C GLY B 38 -25.17 8.41 19.81
N MET B 39 -24.72 7.50 20.64
CA MET B 39 -25.44 6.27 21.08
C MET B 39 -26.50 6.63 22.14
N SER B 40 -27.62 7.18 21.71
CA SER B 40 -28.68 7.51 22.62
C SER B 40 -29.29 6.27 23.28
N LEU B 41 -30.05 6.43 24.36
CA LEU B 41 -30.73 5.29 24.99
C LEU B 41 -31.64 4.61 24.01
N SER B 42 -32.26 5.39 23.13
CA SER B 42 -33.08 4.88 22.04
C SER B 42 -32.30 3.99 21.02
N THR B 43 -31.05 4.36 20.80
CA THR B 43 -30.15 3.57 19.94
C THR B 43 -29.85 2.27 20.60
N VAL B 44 -29.74 2.26 21.92
CA VAL B 44 -29.44 1.05 22.64
C VAL B 44 -30.67 0.12 22.61
N THR B 45 -31.85 0.64 22.90
CA THR B 45 -33.06 -0.16 22.75
C THR B 45 -33.24 -0.75 21.34
N ALA B 46 -33.10 0.10 20.34
CA ALA B 46 -33.27 -0.30 18.96
C ALA B 46 -32.21 -1.33 18.58
N ALA B 47 -31.00 -1.15 19.10
CA ALA B 47 -29.95 -2.09 18.80
C ALA B 47 -30.15 -3.43 19.51
N ARG B 48 -30.71 -3.40 20.71
CA ARG B 48 -31.05 -4.63 21.42
C ARG B 48 -32.01 -5.48 20.59
N ILE B 49 -33.03 -4.82 20.04
CA ILE B 49 -34.02 -5.50 19.17
C ILE B 49 -33.42 -5.95 17.82
N TYR B 50 -32.54 -5.11 17.24
CA TYR B 50 -31.82 -5.45 16.02
C TYR B 50 -31.05 -6.76 16.28
N LYS B 51 -30.24 -6.78 17.34
CA LYS B 51 -29.51 -7.99 17.75
C LYS B 51 -30.47 -9.18 17.89
N GLY B 52 -31.62 -8.94 18.51
CA GLY B 52 -32.61 -9.98 18.67
C GLY B 52 -33.10 -10.52 17.37
N GLY B 53 -33.13 -9.66 16.35
CA GLY B 53 -33.52 -10.03 15.02
C GLY B 53 -32.51 -11.00 14.41
N LEU B 54 -31.24 -10.89 14.80
CA LEU B 54 -30.24 -11.81 14.30
C LEU B 54 -30.22 -13.13 15.06
N THR B 55 -30.54 -13.09 16.34
CA THR B 55 -30.40 -14.28 17.12
C THR B 55 -31.67 -15.01 17.36
N GLY B 56 -32.75 -14.34 17.00
CA GLY B 56 -34.12 -14.87 17.09
C GLY B 56 -34.81 -14.59 18.40
N LYS B 57 -34.10 -13.99 19.34
CA LYS B 57 -34.69 -13.65 20.62
C LYS B 57 -35.59 -12.41 20.59
N PHE B 58 -35.34 -11.56 19.61
CA PHE B 58 -36.03 -10.30 19.40
C PHE B 58 -36.02 -9.39 20.64
N GLU B 59 -37.20 -8.99 21.14
CA GLU B 59 -37.25 -8.04 22.25
C GLU B 59 -36.76 -8.55 23.55
N ARG B 60 -36.61 -9.87 23.67
CA ARG B 60 -36.03 -10.50 24.83
C ARG B 60 -34.48 -10.54 24.84
N GLU B 61 -33.86 -10.16 23.75
CA GLU B 61 -32.42 -10.21 23.65
C GLU B 61 -31.77 -9.25 24.64
N LYS B 62 -30.50 -9.40 24.95
CA LYS B 62 -29.86 -8.48 25.82
C LYS B 62 -28.61 -7.94 25.16
N ILE B 63 -28.34 -6.65 25.37
CA ILE B 63 -27.09 -6.02 24.95
C ILE B 63 -26.05 -6.39 25.99
N SER B 64 -24.82 -6.68 25.54
CA SER B 64 -23.81 -7.21 26.41
C SER B 64 -23.64 -6.42 27.71
N TRP B 65 -23.59 -5.11 27.58
CA TRP B 65 -23.28 -4.34 28.74
C TRP B 65 -24.53 -4.21 29.65
N GLU B 66 -25.67 -4.69 29.19
CA GLU B 66 -26.85 -4.59 30.03
C GLU B 66 -26.83 -5.72 31.05
N GLU B 67 -25.86 -6.62 30.97
CA GLU B 67 -25.68 -7.65 31.99
C GLU B 67 -24.99 -7.05 33.18
N PHE B 68 -24.47 -5.83 33.06
CA PHE B 68 -23.83 -5.19 34.19
C PHE B 68 -24.89 -4.83 35.24
N ASP B 69 -24.50 -4.84 36.49
CA ASP B 69 -25.43 -4.52 37.56
C ASP B 69 -25.67 -3.05 37.75
N PHE B 70 -24.76 -2.22 37.25
CA PHE B 70 -24.84 -0.79 37.49
C PHE B 70 -25.04 0.05 36.22
N ALA B 71 -26.14 0.81 36.20
CA ALA B 71 -26.40 1.73 35.11
C ALA B 71 -26.64 3.09 35.74
N ALA B 72 -26.38 4.13 34.98
CA ALA B 72 -26.59 5.47 35.43
C ALA B 72 -26.94 6.38 34.25
N LEU B 73 -27.38 7.61 34.61
CA LEU B 73 -27.71 8.59 33.62
C LEU B 73 -26.70 9.71 33.68
N SER B 74 -26.39 10.25 32.51
CA SER B 74 -25.41 11.33 32.35
C SER B 74 -25.93 12.55 31.63
N LYS B 75 -25.77 13.72 32.26
CA LYS B 75 -26.30 14.97 31.74
C LYS B 75 -25.24 15.64 30.88
N THR B 76 -25.56 15.85 29.61
CA THR B 76 -24.55 16.20 28.60
C THR B 76 -24.44 17.64 28.15
N TYR B 77 -25.32 18.51 28.63
CA TYR B 77 -25.18 19.93 28.29
C TYR B 77 -23.76 20.41 28.54
N ASN B 78 -23.31 21.42 27.79
CA ASN B 78 -21.96 21.91 28.05
C ASN B 78 -21.98 23.37 28.52
N THR B 79 -20.83 24.06 28.49
CA THR B 79 -20.83 25.46 29.00
C THR B 79 -21.47 26.54 28.08
N ASP B 80 -21.69 26.22 26.81
CA ASP B 80 -22.32 27.21 25.95
C ASP B 80 -23.50 26.68 25.18
N LYS B 81 -23.73 25.36 25.12
CA LYS B 81 -24.86 24.83 24.33
C LYS B 81 -25.62 23.78 25.12
N GLN B 82 -26.92 23.71 24.89
CA GLN B 82 -27.79 22.68 25.50
C GLN B 82 -27.42 21.31 24.97
N VAL B 83 -27.18 21.27 23.67
CA VAL B 83 -26.86 20.03 22.97
C VAL B 83 -25.37 20.03 22.54
N THR B 84 -24.59 19.21 23.22
CA THR B 84 -23.14 19.17 23.05
C THR B 84 -22.70 18.49 21.76
N ASP B 85 -21.59 18.99 21.23
CA ASP B 85 -20.86 18.30 20.18
C ASP B 85 -19.99 17.26 20.80
N SER B 86 -19.20 16.57 19.95
CA SER B 86 -18.34 15.49 20.42
C SER B 86 -17.05 15.96 21.13
N ALA B 87 -16.60 17.15 20.78
CA ALA B 87 -15.42 17.71 21.41
C ALA B 87 -15.59 18.12 22.88
N ALA B 88 -16.58 18.92 23.16
CA ALA B 88 -16.79 19.39 24.52
C ALA B 88 -17.15 18.22 25.38
N SER B 89 -17.94 17.28 24.85
CA SER B 89 -18.27 16.14 25.69
C SER B 89 -17.06 15.27 26.03
N ALA B 90 -16.18 15.03 25.05
CA ALA B 90 -15.03 14.23 25.27
C ALA B 90 -14.21 14.95 26.35
N THR B 91 -14.11 16.26 26.28
CA THR B 91 -13.35 16.95 27.35
C THR B 91 -13.97 16.66 28.74
N ALA B 92 -15.30 16.64 28.81
CA ALA B 92 -15.98 16.33 30.06
C ALA B 92 -15.73 14.89 30.58
N TYR B 93 -16.03 13.88 29.76
CA TYR B 93 -15.96 12.52 30.23
C TYR B 93 -14.52 11.96 30.24
N LEU B 94 -13.58 12.65 29.61
CA LEU B 94 -12.17 12.19 29.69
C LEU B 94 -11.24 13.06 30.55
N THR B 95 -11.56 14.36 30.67
CA THR B 95 -10.74 15.27 31.49
C THR B 95 -11.44 15.76 32.77
N GLY B 96 -12.75 15.56 32.92
CA GLY B 96 -13.42 15.93 34.16
C GLY B 96 -13.91 17.36 34.25
N VAL B 97 -13.87 18.03 33.14
CA VAL B 97 -14.29 19.38 33.05
C VAL B 97 -15.15 19.62 31.82
N LYS B 98 -16.27 20.32 32.03
CA LYS B 98 -17.16 20.71 30.92
C LYS B 98 -16.60 21.94 30.21
N THR B 99 -16.97 22.17 28.96
CA THR B 99 -16.37 23.26 28.21
C THR B 99 -17.22 23.63 27.03
N ASN B 100 -16.74 24.58 26.21
CA ASN B 100 -17.49 25.11 25.11
C ASN B 100 -17.47 24.24 23.87
N GLN B 101 -18.50 24.39 23.04
CA GLN B 101 -18.68 23.66 21.78
C GLN B 101 -17.43 23.80 20.90
N GLY B 102 -16.95 22.67 20.40
CA GLY B 102 -15.75 22.68 19.55
C GLY B 102 -14.38 22.72 20.24
N VAL B 103 -14.30 22.70 21.58
CA VAL B 103 -13.04 22.84 22.26
C VAL B 103 -12.68 21.52 22.81
N ILE B 104 -11.39 21.15 22.73
CA ILE B 104 -10.87 19.91 23.34
C ILE B 104 -9.71 20.18 24.30
N GLY B 105 -9.87 19.69 25.53
CA GLY B 105 -8.81 19.73 26.53
C GLY B 105 -8.45 21.12 27.05
N LEU B 106 -9.38 22.03 26.96
CA LEU B 106 -9.26 23.37 27.49
C LEU B 106 -10.57 23.70 28.15
N ASP B 107 -10.56 24.61 29.15
CA ASP B 107 -11.80 24.97 29.84
C ASP B 107 -12.62 26.05 29.17
N ALA B 108 -13.73 26.44 29.82
CA ALA B 108 -14.70 27.31 29.17
C ALA B 108 -14.23 28.73 28.96
N ASN B 109 -13.05 29.03 29.45
CA ASN B 109 -12.48 30.32 29.08
C ASN B 109 -12.15 30.38 27.63
N THR B 110 -12.00 29.23 27.02
CA THR B 110 -11.62 29.13 25.63
C THR B 110 -12.61 29.70 24.69
N VAL B 111 -12.07 30.44 23.74
CA VAL B 111 -12.88 30.99 22.70
C VAL B 111 -12.61 30.16 21.47
N ARG B 112 -13.61 29.39 21.03
CA ARG B 112 -13.44 28.49 19.89
C ARG B 112 -12.79 29.13 18.65
N THR B 113 -11.84 28.42 18.07
CA THR B 113 -11.22 28.84 16.81
C THR B 113 -10.18 29.88 17.05
N ASN B 114 -9.97 30.13 18.31
CA ASN B 114 -8.90 31.00 18.70
C ASN B 114 -7.73 30.22 19.35
N CYS B 115 -6.68 30.05 18.54
CA CYS B 115 -5.47 29.36 18.95
C CYS B 115 -4.73 29.87 20.19
N SER B 116 -4.71 31.21 20.40
CA SER B 116 -4.12 31.74 21.60
C SER B 116 -4.53 30.98 22.84
N TYR B 117 -5.81 30.62 22.92
CA TYR B 117 -6.27 29.89 24.11
C TYR B 117 -5.59 28.56 24.29
N GLN B 118 -5.14 27.91 23.22
CA GLN B 118 -4.48 26.62 23.40
C GLN B 118 -2.99 26.78 23.75
N LEU B 119 -2.50 28.02 23.79
CA LEU B 119 -1.13 28.33 24.26
C LEU B 119 -1.06 28.59 25.76
N ASP B 120 -2.21 28.80 26.40
CA ASP B 120 -2.27 29.04 27.82
C ASP B 120 -2.50 27.79 28.66
N GLU B 121 -1.43 27.30 29.27
CA GLU B 121 -1.47 26.08 30.05
C GLU B 121 -2.41 26.10 31.22
N SER B 122 -2.71 27.28 31.76
CA SER B 122 -3.59 27.38 32.91
C SER B 122 -5.02 26.99 32.52
N LEU B 123 -5.29 26.99 31.22
CA LEU B 123 -6.58 26.57 30.68
C LEU B 123 -6.69 25.09 30.29
N PHE B 124 -5.59 24.33 30.47
CA PHE B 124 -5.52 22.92 30.12
C PHE B 124 -6.33 22.04 31.07
N THR B 125 -6.94 21.00 30.53
CA THR B 125 -7.58 19.99 31.36
C THR B 125 -6.85 18.78 30.95
N TYR B 126 -6.65 17.87 31.86
CA TYR B 126 -5.84 16.69 31.61
C TYR B 126 -6.68 15.45 31.72
N SER B 127 -6.39 14.50 30.84
CA SER B 127 -7.23 13.33 30.67
C SER B 127 -6.88 12.21 31.60
N ILE B 128 -7.78 11.25 31.72
CA ILE B 128 -7.52 10.13 32.50
C ILE B 128 -6.30 9.37 31.97
N ALA B 129 -6.02 9.48 30.69
CA ALA B 129 -4.84 8.82 30.12
C ALA B 129 -3.56 9.49 30.61
N HIS B 130 -3.54 10.80 30.64
CA HIS B 130 -2.48 11.51 31.31
C HIS B 130 -2.27 10.98 32.73
N TRP B 131 -3.37 10.81 33.47
CA TRP B 131 -3.25 10.46 34.85
C TRP B 131 -2.68 9.07 34.99
N PHE B 132 -3.14 8.13 34.16
CA PHE B 132 -2.58 6.81 34.21
C PHE B 132 -1.05 6.84 33.93
N GLN B 133 -0.63 7.66 32.97
CA GLN B 133 0.79 7.82 32.62
C GLN B 133 1.57 8.40 33.78
N GLU B 134 1.05 9.44 34.43
CA GLU B 134 1.73 10.03 35.58
C GLU B 134 1.90 9.01 36.69
N ALA B 135 1.08 7.95 36.69
CA ALA B 135 1.15 6.94 37.73
C ALA B 135 1.98 5.76 37.28
N GLY B 136 2.58 5.87 36.10
CA GLY B 136 3.41 4.81 35.58
C GLY B 136 2.70 3.64 34.97
N ARG B 137 1.53 3.88 34.39
CA ARG B 137 0.72 2.84 33.78
C ARG B 137 0.50 3.09 32.30
N SER B 138 0.19 2.04 31.57
CA SER B 138 0.09 2.11 30.11
C SER B 138 -1.29 2.65 29.64
N THR B 139 -1.29 3.22 28.45
CA THR B 139 -2.46 3.82 27.82
C THR B 139 -2.54 3.53 26.33
N GLY B 140 -3.78 3.50 25.83
CA GLY B 140 -4.06 3.31 24.41
C GLY B 140 -5.46 3.70 24.01
N VAL B 141 -5.68 3.78 22.71
CA VAL B 141 -6.96 4.23 22.12
C VAL B 141 -7.21 3.49 20.83
N VAL B 142 -8.40 2.93 20.73
CA VAL B 142 -8.92 2.28 19.54
C VAL B 142 -10.20 2.97 19.11
N THR B 143 -10.40 3.21 17.81
CA THR B 143 -11.62 3.79 17.31
C THR B 143 -11.87 3.44 15.86
N SER B 144 -13.13 3.55 15.45
CA SER B 144 -13.52 3.33 14.08
C SER B 144 -13.45 4.68 13.31
N THR B 145 -13.10 5.77 14.00
CA THR B 145 -13.00 7.05 13.34
C THR B 145 -11.54 7.31 13.08
N ARG B 146 -11.24 8.49 12.53
CA ARG B 146 -9.88 8.97 12.40
C ARG B 146 -9.34 9.10 13.86
N VAL B 147 -8.09 8.73 14.09
CA VAL B 147 -7.55 8.82 15.44
C VAL B 147 -7.40 10.27 15.97
N THR B 148 -7.62 11.23 15.08
CA THR B 148 -7.55 12.67 15.39
C THR B 148 -8.94 13.29 15.56
N HIS B 149 -9.97 12.45 15.40
CA HIS B 149 -11.41 12.81 15.64
C HIS B 149 -11.55 13.22 17.13
N ALA B 150 -12.59 14.00 17.40
CA ALA B 150 -12.78 14.59 18.71
C ALA B 150 -12.73 13.64 19.86
N THR B 151 -13.36 12.46 19.72
CA THR B 151 -13.35 11.52 20.82
C THR B 151 -11.98 11.00 21.24
N PRO B 152 -11.24 10.34 20.35
CA PRO B 152 -9.90 9.90 20.76
C PRO B 152 -9.04 11.09 21.18
N ALA B 153 -9.22 12.20 20.48
CA ALA B 153 -8.47 13.42 20.75
C ALA B 153 -8.61 13.91 22.18
N GLY B 154 -9.77 13.67 22.78
CA GLY B 154 -10.00 14.05 24.16
C GLY B 154 -9.07 13.38 25.11
N THR B 155 -8.50 12.22 24.74
CA THR B 155 -7.58 11.56 25.64
C THR B 155 -6.21 12.19 25.59
N TYR B 156 -5.91 13.04 24.63
CA TYR B 156 -4.55 13.60 24.53
C TYR B 156 -4.35 15.03 24.05
N ALA B 157 -5.32 15.62 23.37
CA ALA B 157 -5.09 16.91 22.77
C ALA B 157 -5.61 18.13 23.54
N HIS B 158 -5.02 19.29 23.23
CA HIS B 158 -5.51 20.56 23.75
C HIS B 158 -5.55 21.49 22.57
N VAL B 159 -6.75 21.69 22.05
CA VAL B 159 -6.99 22.58 20.95
C VAL B 159 -8.23 23.43 21.11
N ALA B 160 -8.17 24.59 20.45
CA ALA B 160 -9.24 25.59 20.48
C ALA B 160 -10.28 25.31 19.45
N ASP B 161 -10.02 24.36 18.54
CA ASP B 161 -11.07 23.92 17.60
C ASP B 161 -10.81 22.49 17.16
N ARG B 162 -11.77 21.62 17.44
CA ARG B 162 -11.72 20.23 17.07
C ARG B 162 -11.47 20.03 15.59
N ASP B 163 -11.75 21.00 14.76
CA ASP B 163 -11.56 20.85 13.33
C ASP B 163 -10.07 20.71 12.94
N TRP B 164 -9.19 21.12 13.84
CA TRP B 164 -7.75 21.21 13.58
C TRP B 164 -7.07 19.87 13.72
N GLU B 165 -7.43 18.93 12.87
CA GLU B 165 -6.93 17.58 13.03
C GLU B 165 -5.55 17.50 12.41
N ASN B 166 -5.31 18.32 11.39
CA ASN B 166 -3.96 18.43 10.78
C ASN B 166 -3.62 19.89 10.50
N ASP B 167 -2.39 20.21 10.09
CA ASP B 167 -2.01 21.61 9.89
C ASP B 167 -2.77 22.27 8.80
N SER B 168 -3.24 21.53 7.79
CA SER B 168 -4.03 22.13 6.75
C SER B 168 -5.38 22.66 7.29
N ASP B 169 -5.90 22.08 8.36
CA ASP B 169 -7.15 22.58 8.94
C ASP B 169 -6.88 23.86 9.74
N VAL B 170 -5.71 23.98 10.35
CA VAL B 170 -5.31 25.19 11.08
C VAL B 170 -5.16 26.39 10.12
N VAL B 171 -4.46 26.17 9.02
CA VAL B 171 -4.33 27.16 7.97
C VAL B 171 -5.68 27.58 7.41
N HIS B 172 -6.58 26.61 7.22
CA HIS B 172 -7.91 26.93 6.72
C HIS B 172 -8.68 27.96 7.60
N ASP B 173 -8.41 27.98 8.90
CA ASP B 173 -9.08 28.91 9.80
C ASP B 173 -8.20 30.17 10.05
N ARG B 174 -7.16 30.34 9.26
CA ARG B 174 -6.32 31.53 9.33
C ARG B 174 -5.42 31.58 10.52
N GLU B 175 -5.21 30.43 11.14
CA GLU B 175 -4.30 30.38 12.26
C GLU B 175 -2.92 29.95 11.78
N ASP B 176 -1.93 30.27 12.61
CA ASP B 176 -0.52 29.99 12.32
C ASP B 176 -0.13 28.58 12.70
N PRO B 177 0.03 27.69 11.75
CA PRO B 177 0.32 26.27 12.07
C PRO B 177 1.65 26.09 12.78
N GLU B 178 2.51 27.11 12.70
CA GLU B 178 3.83 27.04 13.28
C GLU B 178 3.73 27.04 14.76
N ILE B 179 2.74 27.74 15.25
CA ILE B 179 2.59 27.78 16.67
C ILE B 179 1.28 27.11 17.12
N CYS B 180 0.34 26.88 16.24
CA CYS B 180 -0.88 26.20 16.68
C CYS B 180 -0.73 24.74 16.32
N ASP B 181 -0.37 23.92 17.26
CA ASP B 181 -0.17 22.51 17.00
C ASP B 181 -1.51 21.80 16.67
N ASP B 182 -1.56 21.08 15.55
CA ASP B 182 -2.78 20.36 15.19
C ASP B 182 -2.87 19.08 15.98
N ILE B 183 -4.05 18.46 15.97
CA ILE B 183 -4.18 17.24 16.79
C ILE B 183 -3.18 16.13 16.41
N ALA B 184 -2.91 15.92 15.14
CA ALA B 184 -2.00 14.82 14.75
C ALA B 184 -0.63 15.10 15.31
N GLU B 185 -0.23 16.35 15.28
CA GLU B 185 1.05 16.71 15.83
C GLU B 185 1.15 16.44 17.29
N GLN B 186 0.07 16.83 17.98
CA GLN B 186 0.07 16.63 19.40
C GLN B 186 0.11 15.17 19.71
N LEU B 187 -0.51 14.33 18.90
CA LEU B 187 -0.47 12.88 19.23
C LEU B 187 0.96 12.35 19.16
N VAL B 188 1.78 12.82 18.22
CA VAL B 188 3.11 12.23 18.07
C VAL B 188 4.20 12.94 18.86
N PHE B 189 4.08 14.25 19.00
CA PHE B 189 5.10 15.08 19.72
C PHE B 189 4.88 15.43 21.20
N ARG B 190 3.64 15.29 21.71
CA ARG B 190 3.33 15.75 23.07
C ARG B 190 2.72 14.65 23.95
N GLU B 191 2.75 14.88 25.25
CA GLU B 191 2.12 13.94 26.17
C GLU B 191 0.66 14.33 26.32
N PRO B 192 -0.17 13.36 26.59
CA PRO B 192 0.24 11.99 26.70
C PRO B 192 0.32 11.19 25.42
N GLY B 193 -0.04 11.77 24.31
CA GLY B 193 -0.11 11.05 23.06
C GLY B 193 1.15 10.28 22.71
N LYS B 194 2.27 10.97 22.90
CA LYS B 194 3.59 10.44 22.55
C LYS B 194 3.98 9.27 23.39
N ASN B 195 3.29 9.01 24.50
CA ASN B 195 3.58 7.85 25.32
C ASN B 195 2.56 6.68 25.19
N PHE B 196 1.48 6.86 24.43
CA PHE B 196 0.53 5.74 24.21
C PHE B 196 1.27 4.52 23.65
N LYS B 197 0.92 3.32 24.11
CA LYS B 197 1.47 2.09 23.61
C LYS B 197 0.71 1.59 22.41
N VAL B 198 -0.59 1.89 22.39
CA VAL B 198 -1.44 1.48 21.33
C VAL B 198 -2.27 2.62 20.76
N ILE B 199 -2.23 2.82 19.45
CA ILE B 199 -3.04 3.79 18.74
C ILE B 199 -3.63 3.14 17.51
N MET B 200 -4.94 2.96 17.52
CA MET B 200 -5.63 2.38 16.40
C MET B 200 -6.89 3.07 15.96
N GLY B 201 -7.03 3.11 14.66
CA GLY B 201 -8.17 3.73 14.01
C GLY B 201 -7.83 4.11 12.59
N GLY B 202 -8.45 5.19 12.11
CA GLY B 202 -8.19 5.68 10.76
C GLY B 202 -7.48 7.02 10.77
N GLY B 203 -7.56 7.71 9.64
CA GLY B 203 -7.03 9.06 9.55
C GLY B 203 -5.59 9.21 9.09
N ARG B 204 -5.05 8.21 8.40
CA ARG B 204 -3.65 8.33 7.87
C ARG B 204 -3.38 9.69 7.22
N ARG B 205 -4.37 10.23 6.56
CA ARG B 205 -4.27 11.50 5.85
C ARG B 205 -3.74 12.71 6.60
N GLY B 206 -3.83 12.73 7.93
CA GLY B 206 -3.41 13.87 8.69
C GLY B 206 -1.98 13.72 9.12
N PHE B 207 -1.33 12.61 8.72
CA PHE B 207 -0.01 12.26 9.19
C PHE B 207 1.07 12.33 8.12
N PHE B 208 0.71 12.62 6.90
CA PHE B 208 1.77 12.73 5.87
C PHE B 208 1.40 13.84 4.91
N PRO B 209 2.39 14.38 4.20
CA PRO B 209 2.15 15.56 3.37
C PRO B 209 1.43 15.37 2.01
N GLU B 210 0.99 16.48 1.42
CA GLU B 210 0.30 16.40 0.11
C GLU B 210 1.26 15.83 -0.96
N GLU B 211 2.56 16.02 -0.76
CA GLU B 211 3.55 15.55 -1.72
C GLU B 211 3.73 14.03 -1.63
N ALA B 212 3.24 13.43 -0.56
CA ALA B 212 3.42 12.00 -0.35
C ALA B 212 2.11 11.31 -0.62
N LEU B 213 2.19 10.01 -0.85
CA LEU B 213 1.02 9.23 -1.21
C LEU B 213 0.72 8.21 -0.14
N ASP B 214 -0.57 7.95 0.03
CA ASP B 214 -1.08 7.04 1.04
C ASP B 214 -0.69 5.61 0.79
N ILE B 215 -0.26 4.92 1.85
CA ILE B 215 -0.24 3.48 1.82
C ILE B 215 -1.73 3.11 1.50
N GLU B 216 -1.72 2.09 0.66
CA GLU B 216 -2.90 1.40 0.23
C GLU B 216 -3.51 2.04 -1.01
N ASP B 217 -3.79 3.32 -0.92
CA ASP B 217 -4.61 3.96 -1.93
C ASP B 217 -3.88 4.96 -2.78
N GLY B 218 -2.73 5.43 -2.31
CA GLY B 218 -1.99 6.40 -3.08
C GLY B 218 -2.61 7.76 -3.19
N ILE B 219 -3.52 8.06 -2.27
CA ILE B 219 -4.12 9.36 -2.23
C ILE B 219 -3.07 10.31 -1.59
N PRO B 220 -2.85 11.49 -2.17
CA PRO B 220 -2.01 12.47 -1.52
C PRO B 220 -2.47 12.80 -0.11
N GLY B 221 -1.51 13.06 0.76
CA GLY B 221 -1.80 13.44 2.14
C GLY B 221 -2.34 14.85 2.28
N GLU B 222 -2.81 15.23 3.49
CA GLU B 222 -3.34 16.56 3.73
C GLU B 222 -2.30 17.55 4.32
N ARG B 223 -1.23 17.06 4.92
CA ARG B 223 -0.28 17.94 5.60
C ARG B 223 0.25 18.93 4.55
N GLU B 224 0.47 20.16 4.98
CA GLU B 224 1.05 21.19 4.13
C GLU B 224 2.40 21.65 4.72
N ASP B 225 2.88 20.99 5.74
CA ASP B 225 4.13 21.41 6.38
C ASP B 225 5.28 20.44 6.14
N GLY B 226 5.12 19.55 5.18
CA GLY B 226 6.15 18.55 4.89
C GLY B 226 6.38 17.50 5.94
N LYS B 227 5.60 17.49 7.02
CA LYS B 227 5.89 16.52 8.07
C LYS B 227 5.32 15.15 7.74
N HIS B 228 6.18 14.14 7.93
CA HIS B 228 5.87 12.70 7.92
C HIS B 228 5.83 12.28 9.37
N LEU B 229 4.64 12.34 9.98
CA LEU B 229 4.51 12.04 11.37
C LEU B 229 4.61 10.59 11.69
N ILE B 230 4.28 9.69 10.77
CA ILE B 230 4.39 8.30 11.15
C ILE B 230 5.85 7.95 11.32
N THR B 231 6.65 8.38 10.37
CA THR B 231 8.06 8.03 10.51
C THR B 231 8.65 8.77 11.70
N ASP B 232 8.14 9.94 12.02
CA ASP B 232 8.58 10.57 13.28
C ASP B 232 8.27 9.68 14.49
N TRP B 233 7.05 9.14 14.55
CA TRP B 233 6.64 8.29 15.64
C TRP B 233 7.54 7.08 15.68
N LEU B 234 7.82 6.47 14.54
CA LEU B 234 8.59 5.26 14.58
C LEU B 234 10.03 5.56 15.07
N ASP B 235 10.59 6.61 14.54
CA ASP B 235 11.96 6.98 14.92
C ASP B 235 12.06 7.21 16.43
N ASP B 236 11.01 7.78 17.02
CA ASP B 236 10.96 8.09 18.44
C ASP B 236 11.01 6.79 19.23
N LYS B 237 10.22 5.80 18.86
CA LYS B 237 10.23 4.59 19.62
C LYS B 237 11.59 3.93 19.52
N ALA B 238 12.16 3.98 18.33
CA ALA B 238 13.41 3.27 18.07
C ALA B 238 14.53 3.95 18.83
N SER B 239 14.54 5.29 18.86
CA SER B 239 15.60 5.94 19.62
C SER B 239 15.48 5.71 21.12
N GLN B 240 14.36 5.19 21.64
CA GLN B 240 14.22 4.87 23.07
C GLN B 240 14.63 3.44 23.27
N GLY B 241 14.99 2.74 22.19
CA GLY B 241 15.37 1.36 22.33
C GLY B 241 14.18 0.41 22.42
N ALA B 242 13.01 0.87 21.94
CA ALA B 242 11.81 0.07 22.00
C ALA B 242 11.45 -0.44 20.63
N THR B 243 10.69 -1.52 20.59
CA THR B 243 10.28 -2.05 19.33
C THR B 243 8.96 -1.39 18.99
N ALA B 244 8.74 -1.08 17.72
CA ALA B 244 7.48 -0.48 17.32
C ALA B 244 7.04 -1.03 16.00
N SER B 245 5.72 -1.08 15.82
CA SER B 245 5.14 -1.56 14.60
C SER B 245 4.06 -0.61 14.10
N TYR B 246 4.08 -0.35 12.79
CA TYR B 246 3.05 0.38 12.10
C TYR B 246 2.40 -0.60 11.15
N VAL B 247 1.10 -0.78 11.33
CA VAL B 247 0.28 -1.60 10.44
C VAL B 247 -0.90 -0.85 9.89
N TRP B 248 -1.39 -1.29 8.72
CA TRP B 248 -2.46 -0.60 8.04
C TRP B 248 -3.52 -1.53 7.47
N ASN B 249 -3.43 -2.80 7.82
CA ASN B 249 -4.41 -3.80 7.37
C ASN B 249 -4.61 -4.92 8.38
N ARG B 250 -5.70 -5.67 8.20
CA ARG B 250 -6.08 -6.71 9.14
C ARG B 250 -5.03 -7.81 9.32
N ASP B 251 -4.60 -8.41 8.24
CA ASP B 251 -3.63 -9.50 8.30
C ASP B 251 -2.41 -9.07 9.03
N ASP B 252 -1.94 -7.88 8.73
CA ASP B 252 -0.76 -7.38 9.42
C ASP B 252 -0.96 -7.16 10.88
N LEU B 253 -2.15 -6.63 11.25
CA LEU B 253 -2.46 -6.43 12.63
C LEU B 253 -2.41 -7.75 13.37
N LEU B 254 -3.09 -8.74 12.81
CA LEU B 254 -3.19 -10.02 13.49
C LEU B 254 -1.87 -10.74 13.55
N ALA B 255 -0.96 -10.37 12.70
CA ALA B 255 0.36 -11.02 12.70
C ALA B 255 1.33 -10.43 13.71
N VAL B 256 0.91 -9.31 14.32
CA VAL B 256 1.80 -8.62 15.26
C VAL B 256 2.25 -9.54 16.37
N ASP B 257 3.56 -9.53 16.63
CA ASP B 257 4.14 -10.28 17.74
C ASP B 257 3.89 -9.54 19.02
N ILE B 258 2.88 -9.99 19.77
CA ILE B 258 2.44 -9.28 20.96
C ILE B 258 3.57 -9.23 21.97
N ALA B 259 4.19 -10.37 22.23
CA ALA B 259 5.22 -10.43 23.27
C ALA B 259 6.43 -9.53 23.02
N ASN B 260 6.77 -9.29 21.76
CA ASN B 260 7.97 -8.53 21.43
C ASN B 260 7.70 -7.16 20.89
N THR B 261 6.48 -6.67 21.10
CA THR B 261 6.10 -5.35 20.59
C THR B 261 5.71 -4.37 21.69
N ASP B 262 6.48 -3.30 21.81
CA ASP B 262 6.24 -2.26 22.80
C ASP B 262 5.21 -1.21 22.37
N TYR B 263 5.28 -0.77 21.13
CA TYR B 263 4.35 0.20 20.61
C TYR B 263 3.70 -0.24 19.32
N LEU B 264 2.41 0.06 19.21
CA LEU B 264 1.64 -0.34 18.06
C LEU B 264 0.74 0.77 17.52
N MET B 265 0.98 1.12 16.27
CA MET B 265 0.14 2.09 15.60
C MET B 265 -0.50 1.44 14.41
N GLY B 266 -1.82 1.31 14.43
CA GLY B 266 -2.55 0.72 13.34
C GLY B 266 -3.52 1.71 12.78
N LEU B 267 -3.24 2.19 11.57
CA LEU B 267 -4.08 3.16 10.88
C LEU B 267 -4.60 2.51 9.61
N PHE B 268 -5.87 2.09 9.66
CA PHE B 268 -6.43 1.24 8.64
C PHE B 268 -7.15 1.89 7.53
N SER B 269 -7.16 3.23 7.51
CA SER B 269 -7.78 4.00 6.45
C SER B 269 -7.13 5.39 6.36
N TYR B 270 -7.23 5.93 5.15
CA TYR B 270 -6.91 7.33 4.88
C TYR B 270 -7.79 8.24 5.71
N THR B 271 -9.05 7.87 5.86
CA THR B 271 -9.97 8.66 6.67
C THR B 271 -10.61 7.81 7.79
N HIS B 272 -11.92 7.95 7.98
CA HIS B 272 -12.61 7.16 9.00
C HIS B 272 -12.60 5.73 8.42
N LEU B 273 -12.63 4.70 9.27
CA LEU B 273 -12.73 3.33 8.81
C LEU B 273 -14.09 3.11 8.18
N ASP B 274 -14.11 2.20 7.21
CA ASP B 274 -15.37 1.91 6.54
C ASP B 274 -16.39 1.33 7.49
N THR B 275 -17.64 1.69 7.25
CA THR B 275 -18.73 1.17 8.07
C THR B 275 -18.84 -0.37 8.08
N VAL B 276 -19.43 -0.91 9.12
CA VAL B 276 -19.62 -2.37 9.24
C VAL B 276 -20.25 -2.96 7.95
N LEU B 277 -21.30 -2.34 7.44
CA LEU B 277 -22.00 -2.90 6.28
C LEU B 277 -21.33 -2.63 4.95
N THR B 278 -20.23 -1.88 4.92
CA THR B 278 -19.56 -1.63 3.64
C THR B 278 -18.11 -2.06 3.66
N ARG B 279 -17.55 -2.37 4.82
CA ARG B 279 -16.10 -2.64 4.91
C ARG B 279 -15.69 -3.99 4.25
N ASP B 280 -14.48 -4.01 3.76
CA ASP B 280 -13.88 -5.23 3.22
C ASP B 280 -13.30 -5.97 4.41
N ALA B 281 -13.94 -7.05 4.79
CA ALA B 281 -13.56 -7.81 5.97
C ALA B 281 -12.18 -8.39 5.91
N GLU B 282 -11.64 -8.48 4.71
CA GLU B 282 -10.33 -9.03 4.50
C GLU B 282 -9.24 -8.03 4.86
N MET B 283 -9.54 -6.78 4.56
CA MET B 283 -8.62 -5.66 4.70
C MET B 283 -8.70 -4.90 6.02
N ASP B 284 -9.93 -4.79 6.56
CA ASP B 284 -10.18 -4.04 7.79
C ASP B 284 -10.49 -4.90 8.99
N PRO B 285 -9.79 -4.64 10.08
CA PRO B 285 -10.04 -5.35 11.29
C PRO B 285 -11.34 -4.77 11.90
N THR B 286 -12.08 -5.60 12.61
CA THR B 286 -13.33 -5.13 13.25
C THR B 286 -13.02 -4.47 14.57
N LEU B 287 -14.01 -3.85 15.19
CA LEU B 287 -13.76 -3.19 16.46
C LEU B 287 -13.33 -4.15 17.52
N PRO B 288 -13.98 -5.30 17.65
CA PRO B 288 -13.51 -6.32 18.60
C PRO B 288 -12.08 -6.84 18.35
N GLU B 289 -11.70 -6.96 17.09
CA GLU B 289 -10.35 -7.41 16.73
C GLU B 289 -9.34 -6.38 17.20
N MET B 290 -9.61 -5.11 16.94
CA MET B 290 -8.70 -4.05 17.41
C MET B 290 -8.64 -4.07 18.92
N THR B 291 -9.81 -4.19 19.54
CA THR B 291 -9.84 -4.25 20.97
C THR B 291 -8.99 -5.37 21.53
N LYS B 292 -9.10 -6.55 20.92
CA LYS B 292 -8.36 -7.69 21.41
C LYS B 292 -6.85 -7.43 21.39
N VAL B 293 -6.37 -6.87 20.29
CA VAL B 293 -4.93 -6.68 20.16
C VAL B 293 -4.48 -5.62 21.12
N ALA B 294 -5.30 -4.57 21.26
CA ALA B 294 -5.00 -3.51 22.23
C ALA B 294 -4.87 -4.05 23.66
N ILE B 295 -5.79 -4.91 24.04
CA ILE B 295 -5.76 -5.47 25.36
C ILE B 295 -4.53 -6.39 25.47
N GLU B 296 -4.32 -7.20 24.44
CA GLU B 296 -3.12 -8.05 24.42
C GLU B 296 -1.84 -7.25 24.72
N MET B 297 -1.68 -6.09 24.09
CA MET B 297 -0.52 -5.28 24.34
C MET B 297 -0.45 -4.59 25.66
N LEU B 298 -1.53 -3.93 26.06
CA LEU B 298 -1.51 -3.09 27.24
C LEU B 298 -1.49 -3.91 28.50
N THR B 299 -2.01 -5.12 28.44
CA THR B 299 -2.06 -5.93 29.65
C THR B 299 -0.68 -6.51 30.02
N LYS B 300 0.29 -6.28 29.16
CA LYS B 300 1.64 -6.72 29.53
C LYS B 300 2.11 -5.85 30.70
N ASP B 301 1.49 -4.70 30.90
CA ASP B 301 1.90 -3.80 31.98
C ASP B 301 1.34 -4.27 33.33
N GLU B 302 2.18 -4.79 34.21
CA GLU B 302 1.67 -5.34 35.47
C GLU B 302 1.16 -4.32 36.48
N ASN B 303 1.38 -3.05 36.19
CA ASN B 303 0.83 -1.98 37.00
C ASN B 303 -0.56 -1.51 36.50
N GLY B 304 -0.98 -2.04 35.35
CA GLY B 304 -2.31 -1.70 34.86
C GLY B 304 -2.33 -0.84 33.62
N PHE B 305 -3.52 -0.62 33.06
CA PHE B 305 -3.63 0.24 31.87
C PHE B 305 -5.01 0.91 31.70
N PHE B 306 -5.05 1.98 30.89
CA PHE B 306 -6.29 2.61 30.47
C PHE B 306 -6.41 2.42 28.97
N LEU B 307 -7.60 2.06 28.54
CA LEU B 307 -7.88 1.91 27.13
C LEU B 307 -9.24 2.59 26.79
N LEU B 308 -9.25 3.44 25.77
CA LEU B 308 -10.48 3.97 25.22
C LEU B 308 -10.78 3.22 23.91
N VAL B 309 -11.98 2.65 23.80
CA VAL B 309 -12.45 2.07 22.57
C VAL B 309 -13.72 2.79 22.14
N GLU B 310 -13.69 3.42 20.97
CA GLU B 310 -14.82 4.12 20.47
C GLU B 310 -15.55 3.43 19.29
N GLY B 311 -16.86 3.28 19.45
CA GLY B 311 -17.81 2.94 18.37
C GLY B 311 -18.24 4.27 17.77
N GLY B 312 -17.44 4.73 16.84
CA GLY B 312 -17.55 6.11 16.42
C GLY B 312 -18.45 6.47 15.28
N ARG B 313 -18.78 5.52 14.43
CA ARG B 313 -19.53 5.87 13.24
C ARG B 313 -21.02 5.73 13.48
N ILE B 314 -21.36 5.32 14.68
CA ILE B 314 -22.74 5.34 15.13
C ILE B 314 -23.31 6.72 14.85
N ASP B 315 -22.52 7.74 15.22
CA ASP B 315 -22.89 9.10 15.10
C ASP B 315 -23.02 9.49 13.65
N HIS B 316 -22.01 9.17 12.87
CA HIS B 316 -22.02 9.50 11.46
C HIS B 316 -23.23 8.96 10.73
N MET B 317 -23.64 7.74 11.05
CA MET B 317 -24.82 7.18 10.40
C MET B 317 -26.08 7.88 10.84
N HIS B 318 -26.17 8.22 12.11
CA HIS B 318 -27.34 8.96 12.62
C HIS B 318 -27.43 10.29 11.92
N HIS B 319 -26.29 10.97 11.73
CA HIS B 319 -26.25 12.28 11.05
C HIS B 319 -26.91 12.23 9.65
N ALA B 320 -26.81 11.11 8.99
CA ALA B 320 -27.43 10.96 7.69
C ALA B 320 -28.75 10.25 7.79
N ASN B 321 -29.28 10.08 9.01
CA ASN B 321 -30.53 9.37 9.26
C ASN B 321 -30.48 7.94 8.69
N GLN B 322 -29.27 7.41 8.57
CA GLN B 322 -29.00 6.08 8.10
C GLN B 322 -29.02 5.07 9.26
N ILE B 323 -30.21 4.78 9.75
CA ILE B 323 -30.36 4.09 11.01
C ILE B 323 -29.90 2.62 10.91
N ARG B 324 -30.13 1.99 9.78
CA ARG B 324 -29.67 0.59 9.68
C ARG B 324 -28.15 0.51 9.93
N GLN B 325 -27.39 1.33 9.25
CA GLN B 325 -25.95 1.30 9.46
C GLN B 325 -25.60 1.69 10.89
N SER B 326 -26.35 2.62 11.50
CA SER B 326 -26.04 3.08 12.86
C SER B 326 -26.16 1.90 13.79
N LEU B 327 -27.20 1.09 13.60
CA LEU B 327 -27.36 -0.04 14.47
C LEU B 327 -26.25 -1.07 14.24
N ALA B 328 -25.80 -1.27 13.03
CA ALA B 328 -24.72 -2.21 12.78
C ALA B 328 -23.40 -1.74 13.48
N GLU B 329 -23.13 -0.44 13.44
CA GLU B 329 -21.95 0.06 14.13
C GLU B 329 -22.09 -0.18 15.62
N THR B 330 -23.30 0.05 16.13
CA THR B 330 -23.53 -0.12 17.53
C THR B 330 -23.20 -1.55 17.92
N LEU B 331 -23.70 -2.54 17.17
CA LEU B 331 -23.42 -3.91 17.55
C LEU B 331 -21.94 -4.30 17.46
N ASP B 332 -21.22 -3.67 16.53
CA ASP B 332 -19.78 -3.92 16.43
C ASP B 332 -19.14 -3.55 17.77
N MET B 333 -19.65 -2.51 18.41
CA MET B 333 -19.13 -2.11 19.72
C MET B 333 -19.61 -2.97 20.86
N GLU B 334 -20.83 -3.41 20.77
CA GLU B 334 -21.39 -4.37 21.73
C GLU B 334 -20.54 -5.65 21.74
N GLU B 335 -20.14 -6.04 20.54
CA GLU B 335 -19.25 -7.23 20.39
C GLU B 335 -17.87 -7.01 20.96
N ALA B 336 -17.38 -5.78 20.87
CA ALA B 336 -16.13 -5.43 21.46
C ALA B 336 -16.14 -5.46 22.98
N VAL B 337 -17.26 -5.05 23.59
CA VAL B 337 -17.39 -5.11 24.99
C VAL B 337 -17.30 -6.57 25.42
N SER B 338 -18.00 -7.44 24.72
CA SER B 338 -17.92 -8.86 25.04
C SER B 338 -16.49 -9.38 24.89
N MET B 339 -15.77 -8.97 23.84
CA MET B 339 -14.37 -9.36 23.66
C MET B 339 -13.59 -8.93 24.91
N ALA B 340 -13.72 -7.66 25.35
CA ALA B 340 -13.02 -7.21 26.53
C ALA B 340 -13.36 -8.00 27.81
N LEU B 341 -14.65 -8.24 28.03
CA LEU B 341 -15.05 -8.98 29.23
C LEU B 341 -14.43 -10.39 29.30
N SER B 342 -14.30 -11.01 28.16
CA SER B 342 -13.76 -12.37 28.10
C SER B 342 -12.25 -12.43 28.24
N MET B 343 -11.60 -11.27 28.25
CA MET B 343 -10.14 -11.17 28.27
C MET B 343 -9.56 -10.58 29.52
N THR B 344 -10.41 -10.04 30.37
CA THR B 344 -9.96 -9.41 31.56
C THR B 344 -10.65 -9.93 32.77
N ASP B 345 -10.10 -9.53 33.90
CA ASP B 345 -10.55 -9.95 35.21
C ASP B 345 -11.32 -8.84 35.87
N PRO B 346 -12.59 -9.10 36.14
CA PRO B 346 -13.52 -8.11 36.74
C PRO B 346 -13.15 -7.74 38.16
N GLU B 347 -12.31 -8.56 38.80
CA GLU B 347 -11.89 -8.21 40.14
C GLU B 347 -10.89 -7.07 40.06
N GLU B 348 -10.33 -6.80 38.88
CA GLU B 348 -9.29 -5.74 38.77
C GLU B 348 -9.52 -4.73 37.61
N THR B 349 -10.47 -5.07 36.75
CA THR B 349 -10.75 -4.29 35.54
C THR B 349 -12.12 -3.64 35.55
N ILE B 350 -12.15 -2.32 35.44
CA ILE B 350 -13.41 -1.62 35.20
C ILE B 350 -13.68 -1.55 33.72
N ILE B 351 -14.88 -2.02 33.31
CA ILE B 351 -15.36 -1.84 31.97
C ILE B 351 -16.61 -0.91 32.08
N LEU B 352 -16.51 0.26 31.42
CA LEU B 352 -17.52 1.31 31.41
C LEU B 352 -17.92 1.59 30.01
N VAL B 353 -19.22 1.70 29.79
CA VAL B 353 -19.75 2.04 28.51
C VAL B 353 -20.62 3.26 28.69
N THR B 354 -20.48 4.21 27.77
CA THR B 354 -21.36 5.37 27.76
C THR B 354 -21.45 5.95 26.36
N ALA B 355 -22.22 7.02 26.22
CA ALA B 355 -22.27 7.82 25.02
C ALA B 355 -21.78 9.23 25.35
N ASP B 356 -21.26 9.95 24.35
CA ASP B 356 -20.91 11.37 24.55
C ASP B 356 -22.11 12.26 24.52
N HIS B 357 -23.11 11.87 23.74
CA HIS B 357 -24.36 12.55 23.63
C HIS B 357 -25.25 11.64 22.81
N GLY B 358 -26.55 11.92 22.72
CA GLY B 358 -27.45 11.12 21.89
C GLY B 358 -27.72 11.61 20.48
N HIS B 359 -28.73 11.03 19.85
CA HIS B 359 -29.24 11.42 18.54
C HIS B 359 -30.75 11.35 18.69
N THR B 360 -31.44 11.98 17.78
CA THR B 360 -32.87 12.17 17.92
C THR B 360 -33.65 11.02 17.41
N LEU B 361 -33.17 9.81 17.64
CA LEU B 361 -33.90 8.59 17.23
C LEU B 361 -35.05 8.30 18.16
N THR B 362 -36.18 7.95 17.57
CA THR B 362 -37.35 7.53 18.31
C THR B 362 -37.85 6.17 17.80
N ILE B 363 -38.58 5.49 18.66
CA ILE B 363 -39.16 4.18 18.37
C ILE B 363 -40.68 4.29 18.49
N THR B 364 -41.33 4.40 17.33
CA THR B 364 -42.78 4.57 17.28
C THR B 364 -43.58 3.20 17.35
N GLY B 365 -44.87 3.27 17.66
CA GLY B 365 -45.74 2.09 17.65
C GLY B 365 -46.46 2.03 16.32
N TYR B 366 -47.16 0.94 16.08
CA TYR B 366 -47.28 -0.13 17.03
C TYR B 366 -47.10 -1.50 16.36
N ALA B 367 -45.86 -1.86 16.03
CA ALA B 367 -45.57 -3.19 15.48
C ALA B 367 -45.60 -4.25 16.54
N ASP B 368 -45.91 -5.45 16.08
CA ASP B 368 -46.03 -6.62 16.88
C ASP B 368 -44.65 -7.05 17.34
N ARG B 369 -44.60 -7.76 18.45
CA ARG B 369 -43.39 -8.38 18.84
C ARG B 369 -42.88 -9.17 17.64
N ASN B 370 -41.54 -9.28 17.58
CA ASN B 370 -40.80 -10.03 16.53
C ASN B 370 -40.70 -9.35 15.24
N THR B 371 -41.11 -8.09 15.23
CA THR B 371 -41.05 -7.29 13.99
C THR B 371 -39.64 -6.73 13.95
N ASP B 372 -39.04 -6.80 12.77
CA ASP B 372 -37.73 -6.28 12.47
C ASP B 372 -37.81 -4.79 12.78
N ILE B 373 -36.91 -4.33 13.62
CA ILE B 373 -36.92 -2.96 14.10
C ILE B 373 -36.78 -1.92 13.04
N LEU B 374 -36.31 -2.34 11.86
CA LEU B 374 -36.13 -1.46 10.70
C LEU B 374 -37.35 -1.50 9.79
N ASP B 375 -38.38 -2.24 10.16
CA ASP B 375 -39.56 -2.35 9.32
C ASP B 375 -40.58 -1.22 9.50
N PHE B 376 -41.62 -1.26 8.69
CA PHE B 376 -42.76 -0.38 8.83
C PHE B 376 -43.47 -0.62 10.18
N ALA B 377 -44.07 0.44 10.68
CA ALA B 377 -44.87 0.34 11.90
C ALA B 377 -46.38 0.20 11.59
N GLY B 378 -46.85 0.89 10.56
CA GLY B 378 -48.24 0.93 10.16
C GLY B 378 -48.47 2.01 9.14
N ILE B 379 -49.74 2.41 9.01
CA ILE B 379 -50.15 3.43 8.07
C ILE B 379 -50.73 4.61 8.78
N SER B 380 -50.35 5.81 8.39
CA SER B 380 -50.89 7.01 9.00
C SER B 380 -52.40 7.16 8.74
N ASP B 381 -53.10 7.61 9.78
CA ASP B 381 -54.52 7.83 9.70
C ASP B 381 -54.78 9.27 9.32
N LEU B 382 -53.73 10.03 9.01
CA LEU B 382 -53.95 11.40 8.57
C LEU B 382 -53.69 11.52 7.05
N ASP B 383 -52.70 10.80 6.52
CA ASP B 383 -52.45 10.84 5.05
C ASP B 383 -52.45 9.49 4.35
N ASP B 384 -52.77 8.40 5.05
CA ASP B 384 -52.83 7.08 4.42
C ASP B 384 -51.56 6.48 3.83
N ARG B 385 -50.40 6.98 4.25
CA ARG B 385 -49.11 6.51 3.77
C ARG B 385 -48.34 5.78 4.89
N ARG B 386 -47.61 4.73 4.54
CA ARG B 386 -46.84 3.96 5.50
C ARG B 386 -45.89 4.87 6.35
N TYR B 387 -45.50 4.41 7.54
CA TYR B 387 -44.47 5.10 8.33
C TYR B 387 -43.62 4.04 9.01
N THR B 388 -42.35 4.35 9.29
CA THR B 388 -41.49 3.37 9.88
C THR B 388 -41.56 3.43 11.43
N ILE B 389 -41.22 2.29 12.01
CA ILE B 389 -41.06 2.19 13.44
C ILE B 389 -40.02 3.22 13.94
N LEU B 390 -38.87 3.20 13.31
CA LEU B 390 -37.80 4.12 13.67
C LEU B 390 -37.87 5.40 12.87
N ASP B 391 -37.63 6.52 13.54
CA ASP B 391 -37.52 7.80 12.83
C ASP B 391 -36.82 8.80 13.71
N TYR B 392 -36.62 9.97 13.16
CA TYR B 392 -35.83 10.99 13.84
C TYR B 392 -36.52 12.33 14.03
N GLY B 393 -36.05 13.08 15.03
CA GLY B 393 -36.46 14.43 15.27
C GLY B 393 -35.75 15.45 14.39
N SER B 394 -34.56 15.06 13.92
CA SER B 394 -33.75 15.93 13.10
C SER B 394 -32.99 15.15 12.02
N GLY B 395 -32.80 15.77 10.85
CA GLY B 395 -31.98 15.18 9.79
C GLY B 395 -32.50 15.30 8.37
N PRO B 396 -31.73 14.77 7.44
CA PRO B 396 -32.06 14.84 6.00
C PRO B 396 -33.14 13.84 5.54
N GLY B 397 -33.59 12.96 6.41
CA GLY B 397 -34.68 12.06 6.08
C GLY B 397 -36.04 12.72 5.81
N TYR B 398 -36.24 13.96 6.24
CA TYR B 398 -37.50 14.63 6.01
C TYR B 398 -37.60 14.85 4.49
N HIS B 399 -38.72 14.47 3.91
CA HIS B 399 -38.84 14.56 2.47
C HIS B 399 -40.28 14.79 1.97
N ILE B 400 -40.53 15.98 1.42
CA ILE B 400 -41.83 16.28 0.78
C ILE B 400 -41.70 15.95 -0.72
N THR B 401 -42.57 15.07 -1.23
CA THR B 401 -42.51 14.68 -2.65
C THR B 401 -42.80 15.82 -3.61
N GLU B 402 -42.59 15.56 -4.89
CA GLU B 402 -42.87 16.55 -5.92
C GLU B 402 -44.33 17.03 -5.88
N ASP B 403 -45.29 16.15 -5.53
CA ASP B 403 -46.70 16.58 -5.40
C ASP B 403 -47.05 17.29 -4.12
N GLY B 404 -46.12 17.47 -3.20
CA GLY B 404 -46.44 18.14 -1.96
C GLY B 404 -47.08 17.23 -0.94
N LYS B 405 -46.68 15.96 -0.94
CA LYS B 405 -47.15 14.97 0.00
C LYS B 405 -45.95 14.42 0.78
N ARG B 406 -46.21 13.72 1.86
CA ARG B 406 -45.12 13.13 2.63
C ARG B 406 -44.57 11.92 1.92
N TYR B 407 -43.25 11.87 1.73
CA TYR B 407 -42.65 10.75 1.08
C TYR B 407 -43.08 9.48 1.76
N GLU B 408 -43.44 8.47 1.00
CA GLU B 408 -43.85 7.20 1.56
C GLU B 408 -42.72 6.28 1.37
N PRO B 409 -42.13 5.73 2.43
CA PRO B 409 -41.04 4.75 2.28
C PRO B 409 -41.49 3.41 1.71
N THR B 410 -40.65 2.79 0.87
CA THR B 410 -40.93 1.48 0.30
C THR B 410 -40.11 0.37 0.90
N GLU B 411 -40.54 -0.82 0.56
CA GLU B 411 -39.87 -2.00 0.98
C GLU B 411 -38.41 -1.92 0.49
N GLU B 412 -38.21 -1.37 -0.69
CA GLU B 412 -36.88 -1.29 -1.27
C GLU B 412 -36.07 -0.28 -0.45
N ASP B 413 -36.69 0.85 -0.13
CA ASP B 413 -36.06 1.86 0.72
C ASP B 413 -35.54 1.24 2.01
N LEU B 414 -36.37 0.44 2.65
CA LEU B 414 -35.99 -0.11 3.94
C LEU B 414 -34.75 -0.99 3.91
N LYS B 415 -34.55 -1.68 2.80
CA LYS B 415 -33.44 -2.62 2.67
C LYS B 415 -32.15 -1.90 2.28
N ASP B 416 -32.30 -0.72 1.72
CA ASP B 416 -31.18 0.05 1.23
C ASP B 416 -30.31 0.64 2.39
N ILE B 417 -29.04 0.24 2.46
CA ILE B 417 -28.15 0.69 3.55
C ILE B 417 -27.88 2.21 3.52
N ASN B 418 -28.23 2.89 2.43
CA ASN B 418 -28.08 4.32 2.35
C ASN B 418 -29.41 5.08 2.49
N PHE B 419 -30.51 4.37 2.78
CA PHE B 419 -31.80 5.05 2.88
C PHE B 419 -31.90 5.90 4.18
N ARG B 420 -32.36 7.12 4.03
CA ARG B 420 -32.52 8.02 5.15
C ARG B 420 -33.94 8.01 5.70
N TYR B 421 -34.08 7.50 6.92
CA TYR B 421 -35.37 7.42 7.57
C TYR B 421 -35.84 8.80 7.93
N ALA B 422 -37.17 8.95 8.00
CA ALA B 422 -37.78 10.26 8.14
C ALA B 422 -37.42 11.05 9.40
N SER B 423 -37.29 12.36 9.24
CA SER B 423 -37.12 13.26 10.34
C SER B 423 -38.23 14.28 10.40
N ALA B 424 -38.34 14.90 11.56
CA ALA B 424 -39.32 15.95 11.80
C ALA B 424 -38.85 17.35 11.42
N ALA B 425 -37.53 17.57 11.36
CA ALA B 425 -37.00 18.88 11.12
C ALA B 425 -35.82 18.76 10.19
N PRO B 426 -36.02 19.16 8.93
CA PRO B 426 -34.99 18.93 7.90
C PRO B 426 -33.71 19.71 8.12
N LYS B 427 -32.63 18.94 8.01
CA LYS B 427 -31.29 19.49 8.14
C LYS B 427 -30.36 18.57 7.36
N HIS B 428 -29.39 19.15 6.68
CA HIS B 428 -28.50 18.33 5.84
C HIS B 428 -27.80 17.25 6.70
N SER B 429 -27.38 17.62 7.91
CA SER B 429 -26.83 16.68 8.88
C SER B 429 -27.71 16.84 10.13
N ALA B 430 -28.26 15.73 10.62
CA ALA B 430 -29.02 15.71 11.88
C ALA B 430 -28.28 16.35 13.02
N THR B 431 -28.95 17.11 13.88
CA THR B 431 -28.28 17.59 15.06
C THR B 431 -28.17 16.41 16.05
N HIS B 432 -27.25 16.56 17.01
CA HIS B 432 -27.17 15.68 18.16
C HIS B 432 -28.50 15.92 18.97
N ASP B 433 -28.75 15.05 19.94
CA ASP B 433 -29.89 15.13 20.81
C ASP B 433 -29.41 15.40 22.23
N GLY B 434 -30.13 16.27 22.94
CA GLY B 434 -29.76 16.73 24.28
C GLY B 434 -30.16 15.87 25.47
N THR B 435 -30.95 14.83 25.24
CA THR B 435 -31.42 13.97 26.31
C THR B 435 -30.30 13.30 26.99
N ASP B 436 -30.42 13.17 28.32
CA ASP B 436 -29.47 12.37 29.09
C ASP B 436 -29.17 11.03 28.39
N VAL B 437 -27.93 10.58 28.52
CA VAL B 437 -27.50 9.31 27.97
C VAL B 437 -27.18 8.30 29.07
N GLY B 438 -27.05 7.03 28.70
CA GLY B 438 -26.70 5.99 29.66
C GLY B 438 -25.23 5.76 29.96
N ILE B 439 -24.97 5.19 31.13
CA ILE B 439 -23.65 4.74 31.55
C ILE B 439 -23.89 3.36 32.15
N TRP B 440 -23.03 2.40 31.83
CA TRP B 440 -23.14 1.06 32.34
C TRP B 440 -21.72 0.60 32.70
N VAL B 441 -21.59 0.03 33.88
CA VAL B 441 -20.30 -0.26 34.48
C VAL B 441 -20.23 -1.63 35.19
N ASN B 442 -19.05 -2.25 35.03
CA ASN B 442 -18.75 -3.52 35.65
C ASN B 442 -17.35 -3.40 36.28
N GLY B 443 -17.17 -4.08 37.40
CA GLY B 443 -15.83 -4.20 37.96
C GLY B 443 -15.67 -3.35 39.22
N PRO B 444 -14.41 -3.16 39.61
CA PRO B 444 -14.13 -2.44 40.83
C PRO B 444 -14.83 -1.13 40.87
N PHE B 445 -15.53 -0.89 41.97
CA PHE B 445 -16.22 0.36 42.21
C PHE B 445 -17.28 0.71 41.14
N ALA B 446 -17.85 -0.29 40.51
CA ALA B 446 -18.91 -0.03 39.58
C ALA B 446 -20.09 0.68 40.30
N HIS B 447 -20.21 0.46 41.62
CA HIS B 447 -21.28 1.07 42.44
C HIS B 447 -21.03 2.55 42.66
N LEU B 448 -20.01 3.12 42.05
CA LEU B 448 -19.91 4.59 42.06
C LEU B 448 -20.87 5.19 41.01
N PHE B 449 -21.53 4.32 40.24
CA PHE B 449 -22.43 4.77 39.17
C PHE B 449 -23.78 4.21 39.43
N THR B 450 -24.56 4.94 40.25
CA THR B 450 -25.91 4.44 40.61
C THR B 450 -27.07 5.33 40.20
N GLY B 451 -26.83 6.63 40.18
CA GLY B 451 -27.86 7.62 39.92
C GLY B 451 -27.74 8.41 38.66
N VAL B 452 -27.78 9.71 38.81
CA VAL B 452 -27.85 10.62 37.72
C VAL B 452 -26.67 11.56 37.99
N TYR B 453 -25.82 11.81 36.98
CA TYR B 453 -24.57 12.60 37.17
C TYR B 453 -24.35 13.54 36.02
N GLU B 454 -23.59 14.62 36.30
CA GLU B 454 -23.10 15.45 35.30
C GLU B 454 -22.09 14.57 34.47
N GLU B 455 -22.04 14.76 33.15
CA GLU B 455 -21.16 13.94 32.30
C GLU B 455 -19.67 14.00 32.74
N ASN B 456 -19.21 15.12 33.29
CA ASN B 456 -17.80 15.23 33.70
C ASN B 456 -17.44 14.48 35.01
N TYR B 457 -18.45 13.96 35.71
CA TYR B 457 -18.21 13.16 36.90
C TYR B 457 -17.47 11.90 36.57
N ILE B 458 -17.72 11.36 35.37
CA ILE B 458 -17.23 10.03 35.04
C ILE B 458 -15.73 9.78 35.35
N PRO B 459 -14.81 10.57 34.82
CA PRO B 459 -13.40 10.30 35.04
C PRO B 459 -12.94 10.59 36.46
N HIS B 460 -13.67 11.44 37.19
CA HIS B 460 -13.35 11.65 38.60
C HIS B 460 -13.60 10.39 39.37
N ALA B 461 -14.77 9.78 39.16
CA ALA B 461 -15.03 8.48 39.78
C ALA B 461 -14.05 7.38 39.35
N LEU B 462 -13.74 7.33 38.05
CA LEU B 462 -12.83 6.31 37.57
C LEU B 462 -11.42 6.48 38.17
N ALA B 463 -10.98 7.72 38.31
CA ALA B 463 -9.69 7.99 38.95
C ALA B 463 -9.66 7.53 40.41
N TYR B 464 -10.77 7.75 41.12
CA TYR B 464 -10.84 7.40 42.49
C TYR B 464 -10.63 5.94 42.62
N ALA B 465 -11.24 5.19 41.72
CA ALA B 465 -11.18 3.74 41.80
C ALA B 465 -9.88 3.20 41.27
N ALA B 466 -9.25 3.88 40.34
CA ALA B 466 -7.99 3.39 39.87
C ALA B 466 -6.79 3.94 40.68
N CYS B 467 -7.04 4.89 41.57
CA CYS B 467 -5.96 5.59 42.32
C CYS B 467 -4.98 6.34 41.40
N VAL B 468 -5.49 7.24 40.59
CA VAL B 468 -4.66 8.02 39.74
C VAL B 468 -5.18 9.40 39.86
N GLY B 469 -4.40 10.37 39.42
CA GLY B 469 -4.82 11.76 39.47
C GLY B 469 -4.63 12.45 40.82
N THR B 470 -5.09 13.70 40.89
CA THR B 470 -4.92 14.50 42.11
C THR B 470 -6.20 14.86 42.83
N GLY B 471 -7.11 13.92 42.95
CA GLY B 471 -8.36 14.21 43.60
C GLY B 471 -8.46 13.12 44.62
N ARG B 472 -9.62 12.96 45.21
CA ARG B 472 -9.87 11.87 46.15
C ARG B 472 -9.59 10.54 45.49
N THR B 473 -8.89 9.68 46.23
CA THR B 473 -8.49 8.37 45.74
C THR B 473 -8.74 7.24 46.76
N PHE B 474 -9.10 6.05 46.29
CA PHE B 474 -9.30 4.90 47.18
C PHE B 474 -8.02 4.54 47.96
N CYS B 475 -6.89 4.66 47.29
CA CYS B 475 -5.63 4.38 47.95
C CYS B 475 -5.26 5.48 48.93
N ASP B 476 -5.92 6.62 48.77
CA ASP B 476 -5.67 7.79 49.59
C ASP B 476 -5.93 7.43 51.04
C1 NAG C . 37.57 14.98 -11.26
C2 NAG C . 38.93 14.95 -10.61
C3 NAG C . 39.43 16.37 -10.27
C4 NAG C . 39.40 17.26 -11.51
C5 NAG C . 38.03 17.11 -12.22
C6 NAG C . 37.67 17.97 -13.46
C7 NAG C . 39.46 13.07 -9.17
C8 NAG C . 39.25 12.47 -7.82
N2 NAG C . 38.76 14.16 -9.43
O3 NAG C . 40.65 16.28 -9.50
O4 NAG C . 39.64 18.65 -11.22
O5 NAG C . 37.64 15.73 -12.43
O6 NAG C . 38.41 17.99 -14.67
O7 NAG C . 40.28 12.58 -9.96
ZN ZN D . 25.44 -8.12 -14.43
ZN ZN E . 23.85 -6.43 -18.25
ZN ZN F . 19.82 -4.72 -17.13
S SO4 G . 20.73 -3.41 -4.18
O1 SO4 G . 20.01 -4.09 -5.28
O2 SO4 G . 21.84 -4.25 -3.76
O3 SO4 G . 21.20 -2.06 -4.52
O4 SO4 G . 19.86 -3.30 -3.01
S SO4 H . 30.10 -29.23 2.50
O1 SO4 H . 29.08 -28.84 3.47
O2 SO4 H . 31.04 -30.18 3.08
O3 SO4 H . 29.44 -29.88 1.35
O4 SO4 H . 30.80 -28.00 2.13
S SO4 I . 14.94 -10.02 -4.83
O1 SO4 I . 13.69 -10.09 -5.58
O2 SO4 I . 15.98 -10.75 -5.58
O3 SO4 I . 15.32 -8.61 -4.68
O4 SO4 I . 14.80 -10.70 -3.53
C1 MAE J . 5.51 8.40 -2.96
O1 MAE J . 5.37 8.33 -4.19
O2 MAE J . 5.46 9.54 -2.49
C2 MAE J . 5.66 7.31 -2.03
C3 MAE J . 5.57 5.94 -2.15
C4 MAE J . 5.34 5.14 -3.31
O3 MAE J . 5.21 5.54 -4.46
O4 MAE J . 5.37 3.91 -3.18
C1 MAE K . 20.57 -7.15 -48.21
O1 MAE K . 19.90 -7.30 -49.25
O2 MAE K . 21.07 -6.02 -48.07
C2 MAE K . 20.78 -8.08 -47.14
C3 MAE K . 20.23 -9.32 -46.86
C4 MAE K . 19.30 -10.11 -47.59
O3 MAE K . 18.81 -9.82 -48.69
O4 MAE K . 19.01 -11.23 -47.16
C1 NAG L . -7.60 35.97 20.33
C2 NAG L . -8.13 37.33 19.96
C3 NAG L . -6.98 38.34 20.01
C4 NAG L . -6.37 38.34 21.41
C5 NAG L . -5.91 36.92 21.79
C6 NAG L . -5.28 36.67 23.18
C7 NAG L . -9.98 37.36 18.36
C8 NAG L . -10.40 37.22 16.92
N2 NAG L . -8.67 37.28 18.62
O3 NAG L . -7.45 39.59 19.54
O4 NAG L . -5.30 39.27 21.45
O5 NAG L . -7.01 36.00 21.61
O6 NAG L . -5.90 37.18 24.34
O7 NAG L . -10.82 37.52 19.24
ZN ZN M . -21.97 14.18 15.53
ZN ZN N . -20.26 12.63 19.37
ZN ZN O . -16.61 10.23 18.08
S SO4 P . -14.18 14.81 6.16
O1 SO4 P . -15.43 15.22 5.56
O2 SO4 P . -14.44 13.76 7.17
O3 SO4 P . -13.32 14.25 5.11
O4 SO4 P . -13.45 15.96 6.70
S SO4 Q . -40.01 12.63 -5.03
O1 SO4 Q . -41.33 13.05 -5.48
O2 SO4 Q . -40.22 11.44 -4.20
O3 SO4 Q . -39.19 12.24 -6.17
O4 SO4 Q . -39.43 13.83 -4.35
S SO4 R . -16.72 6.96 4.22
O1 SO4 R . -18.02 7.46 4.71
O2 SO4 R . -16.48 5.64 4.83
O3 SO4 R . -16.77 6.79 2.76
O4 SO4 R . -15.62 7.86 4.61
C1 MAE S . 0.65 6.21 5.32
O1 MAE S . 1.19 5.93 6.40
O2 MAE S . -0.51 5.82 5.20
C2 MAE S . 1.20 6.97 4.22
C3 MAE S . 2.36 7.71 4.08
C4 MAE S . 3.44 7.90 4.96
O3 MAE S . 3.56 7.40 6.08
O4 MAE S . 4.41 8.57 4.57
#